data_7UNA
#
_entry.id   7UNA
#
_cell.length_a   1.00
_cell.length_b   1.00
_cell.length_c   1.00
_cell.angle_alpha   90.00
_cell.angle_beta   90.00
_cell.angle_gamma   90.00
#
_symmetry.space_group_name_H-M   'P 1'
#
loop_
_entity.id
_entity.type
_entity.pdbx_description
1 polymer 'CD-NTase-associated protein 12'
2 non-polymer "2-amino-9-[(2R,3R,3aS,5R,7aR,9R,10R,10aS,12R,14aR)-9-(6-amino-9H-purin-9-yl)-3,5,10,12-tetrahydroxy-5,12-dioxidooctahydro-2H,7H-difuro[3,2-d:3',2'-j][1,3,7,9,2,8]tetraoxadiphosphacyclododecin-2-yl]-1,9-dihydro-6H-purin-6-one"
#
_entity_poly.entity_id   1
_entity_poly.type   'polypeptide(L)'
_entity_poly.pdbx_seq_one_letter_code
;MHHHHHHGSKKRIFIGSSSEQLTILNEIVDLLGDDVECIPWTDAFALNKSGLDSLIKQTRLADYSILIATKDDLTKQRGE
SLTKPRDNVVFEFGLFLGAAGPEKCYLIAEEDTDLPTDLDGITVAKFTRNSGQYNSLDKIVESIRTHLVKIAEMSQLGLL
PSTALAIGYYNSFIKRVCEEIHGSECVELEGKKIKVKSFRVDVVIPETLDDNGVGNFTTLYNKRYGLSKATTCTNPALLG
TRGFPFHFKVDPPDANQESPVDIHLLDIPSTLSTIVESLKLYLPSNQVGQDFDMDYLEMRELENFAKVLKYLIGRNAATK
GYVNVLTNVKL
;
_entity_poly.pdbx_strand_id   A,B,C,D,E,F,G,H
#
loop_
_chem_comp.id
_chem_comp.type
_chem_comp.name
_chem_comp.formula
4BW non-polymer 2-amino-9-[(2R,3R,3aS,5R,7aR,9R,10R,10aS,12R,14aR)-9-(6-amino-9H-purin-9-yl)-3,5,10,12-tetrahydroxy-5,12-dioxidooctahydro-2H,7H-difuro[3,2-d:3',2'-j][1,3,7,9,2,8]tetraoxadiphosphacyclododecin-2-yl]-1,9-dihydro-6H-purin-6-one 'C20 H24 N10 O13 P2'
#
# COMPACT_ATOMS: atom_id res chain seq x y z
N LEU A 160 12.62 38.25 17.11
CA LEU A 160 14.05 38.04 17.29
C LEU A 160 14.33 37.22 18.54
N PRO A 161 15.54 36.66 18.66
CA PRO A 161 15.92 35.86 19.83
C PRO A 161 16.26 36.68 21.06
N SER A 162 15.44 37.68 21.35
CA SER A 162 15.50 38.42 22.61
C SER A 162 14.23 38.30 23.42
N THR A 163 13.10 37.98 22.78
CA THR A 163 11.85 37.81 23.50
C THR A 163 11.85 36.48 24.27
N ALA A 164 12.45 35.44 23.69
CA ALA A 164 12.54 34.17 24.41
C ALA A 164 13.41 34.31 25.65
N LEU A 165 14.58 34.94 25.52
CA LEU A 165 15.44 35.16 26.68
C LEU A 165 14.76 36.04 27.71
N ALA A 166 14.08 37.10 27.26
CA ALA A 166 13.38 37.97 28.19
C ALA A 166 12.29 37.22 28.94
N ILE A 167 11.52 36.40 28.22
CA ILE A 167 10.45 35.64 28.85
C ILE A 167 11.03 34.68 29.88
N GLY A 168 12.08 33.95 29.51
CA GLY A 168 12.67 33.02 30.45
C GLY A 168 13.20 33.71 31.69
N TYR A 169 13.96 34.79 31.50
CA TYR A 169 14.52 35.52 32.63
C TYR A 169 13.40 36.02 33.53
N TYR A 170 12.45 36.75 32.96
CA TYR A 170 11.36 37.28 33.76
C TYR A 170 10.71 36.14 34.53
N ASN A 171 10.07 35.22 33.81
CA ASN A 171 9.33 34.17 34.47
C ASN A 171 10.18 33.61 35.59
N SER A 172 11.26 32.92 35.26
CA SER A 172 11.97 32.18 36.29
C SER A 172 12.42 33.13 37.39
N PHE A 173 13.40 33.99 37.10
CA PHE A 173 14.03 34.72 38.19
C PHE A 173 13.06 35.68 38.86
N ILE A 174 12.47 36.58 38.08
CA ILE A 174 11.67 37.64 38.67
C ILE A 174 10.46 37.06 39.38
N LYS A 175 9.68 36.21 38.68
CA LYS A 175 8.47 35.72 39.31
C LYS A 175 8.80 34.90 40.56
N ARG A 176 9.78 34.00 40.47
CA ARG A 176 10.12 33.17 41.61
C ARG A 176 10.51 34.03 42.80
N VAL A 177 11.47 34.95 42.61
CA VAL A 177 11.99 35.72 43.73
C VAL A 177 10.89 36.60 44.32
N CYS A 178 10.15 37.31 43.46
CA CYS A 178 9.14 38.23 43.95
C CYS A 178 8.06 37.49 44.73
N GLU A 179 7.55 36.38 44.17
CA GLU A 179 6.53 35.62 44.88
C GLU A 179 7.06 35.06 46.19
N GLU A 180 8.30 34.56 46.18
CA GLU A 180 8.86 33.96 47.39
C GLU A 180 8.99 35.01 48.50
N ILE A 181 9.45 36.21 48.14
CA ILE A 181 9.63 37.24 49.16
C ILE A 181 8.32 37.86 49.59
N HIS A 182 7.30 37.87 48.72
CA HIS A 182 5.97 38.28 49.16
C HIS A 182 5.35 37.25 50.09
N GLY A 183 5.66 35.96 49.89
CA GLY A 183 5.09 34.93 50.73
C GLY A 183 5.85 34.65 52.01
N SER A 184 7.12 35.05 52.08
CA SER A 184 7.96 34.77 53.24
C SER A 184 8.44 36.02 53.93
N GLU A 185 8.83 37.05 53.18
CA GLU A 185 9.34 38.30 53.75
C GLU A 185 10.55 38.04 54.65
N CYS A 186 11.60 37.48 54.04
CA CYS A 186 12.84 37.23 54.76
C CYS A 186 13.88 36.75 53.77
N VAL A 187 15.14 37.10 54.04
CA VAL A 187 16.28 36.69 53.24
C VAL A 187 17.38 36.22 54.18
N GLU A 188 18.51 35.82 53.60
CA GLU A 188 19.63 35.32 54.37
C GLU A 188 20.72 36.38 54.50
N LYS A 193 20.72 36.03 59.41
CA LYS A 193 19.44 36.21 58.72
C LYS A 193 18.99 37.66 58.77
N ILE A 194 18.16 38.03 57.80
CA ILE A 194 17.60 39.38 57.72
C ILE A 194 16.11 39.27 57.47
N LYS A 195 15.39 40.33 57.82
CA LYS A 195 13.94 40.38 57.61
C LYS A 195 13.63 41.67 56.87
N VAL A 196 12.51 41.65 56.12
CA VAL A 196 12.20 42.68 55.16
C VAL A 196 10.90 43.39 55.57
N LYS A 197 10.67 44.53 54.93
CA LYS A 197 9.46 45.32 55.12
C LYS A 197 8.79 45.69 53.80
N SER A 198 9.58 45.97 52.77
CA SER A 198 9.04 46.34 51.46
C SER A 198 10.04 45.94 50.39
N PHE A 199 9.59 45.92 49.14
CA PHE A 199 10.39 45.44 48.03
C PHE A 199 10.33 46.43 46.88
N ARG A 200 11.44 46.58 46.17
CA ARG A 200 11.48 47.24 44.87
C ARG A 200 12.72 46.75 44.14
N VAL A 201 12.52 45.96 43.09
CA VAL A 201 13.61 45.30 42.37
C VAL A 201 13.86 46.08 41.09
N ASP A 202 15.11 46.45 40.86
CA ASP A 202 15.50 47.25 39.71
C ASP A 202 16.35 46.40 38.78
N VAL A 203 15.78 46.02 37.65
CA VAL A 203 16.53 45.36 36.58
C VAL A 203 17.41 46.40 35.92
N VAL A 204 18.71 46.10 35.82
CA VAL A 204 19.69 47.03 35.27
C VAL A 204 20.19 46.47 33.95
N ILE A 205 20.12 47.28 32.90
CA ILE A 205 20.42 46.86 31.54
C ILE A 205 21.59 47.67 31.01
N PRO A 206 22.69 47.04 30.59
CA PRO A 206 23.79 47.82 30.02
C PRO A 206 23.34 48.56 28.76
N GLU A 207 23.92 49.74 28.54
CA GLU A 207 23.59 50.51 27.35
C GLU A 207 24.08 49.79 26.09
N THR A 208 25.15 49.02 26.18
CA THR A 208 25.63 48.21 25.07
C THR A 208 26.28 46.96 25.62
N LEU A 209 26.37 45.93 24.79
CA LEU A 209 27.00 44.68 25.17
C LEU A 209 28.47 44.69 24.78
N ASP A 210 29.23 43.78 25.38
CA ASP A 210 30.65 43.65 25.15
C ASP A 210 30.93 42.42 24.30
N ASP A 211 32.23 42.14 24.08
CA ASP A 211 32.61 41.05 23.20
C ASP A 211 32.38 39.68 23.85
N ASN A 212 32.63 39.58 25.15
CA ASN A 212 32.60 38.29 25.85
C ASN A 212 31.69 38.35 27.07
N GLY A 213 30.48 38.89 26.88
CA GLY A 213 29.46 38.89 27.90
C GLY A 213 29.43 40.22 28.66
N VAL A 214 28.93 40.13 29.89
CA VAL A 214 28.76 41.29 30.75
C VAL A 214 29.41 41.08 32.12
N GLY A 215 30.29 40.08 32.25
CA GLY A 215 30.92 39.85 33.54
C GLY A 215 31.69 41.06 34.04
N ASN A 216 32.49 41.67 33.16
CA ASN A 216 33.23 42.86 33.56
C ASN A 216 32.29 43.99 33.96
N PHE A 217 31.20 44.17 33.20
CA PHE A 217 30.24 45.21 33.54
C PHE A 217 29.62 44.94 34.90
N THR A 218 29.25 43.69 35.17
CA THR A 218 28.65 43.34 36.44
C THR A 218 29.62 43.62 37.59
N THR A 219 30.88 43.21 37.44
CA THR A 219 31.86 43.46 38.49
C THR A 219 32.08 44.95 38.70
N LEU A 220 32.15 45.72 37.60
CA LEU A 220 32.34 47.16 37.74
C LEU A 220 31.17 47.79 38.48
N TYR A 221 29.94 47.40 38.15
CA TYR A 221 28.77 47.93 38.83
C TYR A 221 28.79 47.56 40.30
N ASN A 222 29.15 46.31 40.60
CA ASN A 222 29.19 45.87 41.99
C ASN A 222 30.20 46.68 42.79
N LYS A 223 31.39 46.90 42.23
CA LYS A 223 32.38 47.73 42.91
C LYS A 223 31.92 49.17 43.06
N ARG A 224 31.28 49.74 42.03
CA ARG A 224 30.90 51.14 42.08
C ARG A 224 29.76 51.39 43.05
N TYR A 225 28.87 50.41 43.23
CA TYR A 225 27.77 50.55 44.17
C TYR A 225 27.94 49.69 45.42
N GLY A 226 28.87 48.75 45.43
CA GLY A 226 29.12 47.96 46.63
C GLY A 226 27.93 47.14 47.08
N LEU A 227 27.29 46.43 46.17
CA LEU A 227 26.13 45.61 46.52
C LEU A 227 26.54 44.52 47.50
N SER A 228 25.54 43.85 48.07
CA SER A 228 25.76 42.79 49.04
C SER A 228 24.96 41.56 48.64
N LYS A 229 25.43 40.41 49.10
CA LYS A 229 24.85 39.12 48.73
C LYS A 229 23.53 38.91 49.48
N ALA A 230 22.65 38.09 48.90
CA ALA A 230 21.45 37.65 49.60
C ALA A 230 20.80 36.53 48.80
N THR A 231 20.35 35.48 49.48
CA THR A 231 19.59 34.43 48.83
C THR A 231 18.15 34.45 49.35
N THR A 232 17.32 33.55 48.86
CA THR A 232 15.94 33.44 49.28
C THR A 232 15.81 32.38 50.38
N CYS A 233 14.91 32.65 51.32
CA CYS A 233 14.71 31.77 52.48
C CYS A 233 13.98 30.52 52.01
N THR A 234 14.76 29.57 51.52
CA THR A 234 14.24 28.30 51.01
C THR A 234 14.49 27.20 52.03
N ASN A 235 13.47 26.39 52.28
CA ASN A 235 13.58 25.30 53.25
C ASN A 235 13.31 23.95 52.58
N ARG A 242 16.49 25.52 46.49
CA ARG A 242 16.37 26.48 45.40
C ARG A 242 17.08 27.78 45.77
N GLY A 243 18.34 27.68 46.17
CA GLY A 243 19.11 28.85 46.51
C GLY A 243 19.20 29.82 45.34
N PHE A 244 18.87 31.09 45.58
CA PHE A 244 18.84 32.12 44.56
C PHE A 244 19.76 33.26 44.96
N PRO A 245 21.04 33.17 44.59
CA PRO A 245 21.98 34.20 44.99
C PRO A 245 21.90 35.47 44.15
N PHE A 246 21.35 36.52 44.76
CA PHE A 246 21.10 37.79 44.11
C PHE A 246 21.71 38.91 44.97
N HIS A 247 21.81 40.10 44.38
CA HIS A 247 22.55 41.21 44.95
C HIS A 247 21.59 42.34 45.31
N PHE A 248 21.65 42.78 46.56
CA PHE A 248 20.78 43.84 47.05
C PHE A 248 21.62 44.93 47.69
N LYS A 249 21.03 46.12 47.77
CA LYS A 249 21.70 47.29 48.32
C LYS A 249 21.19 47.59 49.73
N PRO A 260 11.43 45.02 58.84
CA PRO A 260 12.03 46.05 59.69
C PRO A 260 12.89 47.03 58.91
N VAL A 261 13.36 46.63 57.73
CA VAL A 261 14.19 47.46 56.87
C VAL A 261 13.66 47.38 55.45
N ASP A 262 13.49 48.54 54.83
CA ASP A 262 13.08 48.59 53.42
C ASP A 262 14.28 48.35 52.53
N ILE A 263 14.19 47.35 51.67
CA ILE A 263 15.29 46.95 50.80
C ILE A 263 15.06 47.52 49.41
N HIS A 264 16.15 48.01 48.82
CA HIS A 264 16.15 48.55 47.45
C HIS A 264 16.95 47.59 46.59
N LEU A 265 16.27 46.63 45.99
CA LEU A 265 16.94 45.61 45.19
C LEU A 265 17.23 46.11 43.78
N LEU A 266 18.37 45.68 43.25
CA LEU A 266 18.72 45.90 41.86
C LEU A 266 19.52 44.70 41.38
N ASP A 267 19.53 44.50 40.06
CA ASP A 267 20.20 43.33 39.49
C ASP A 267 20.50 43.61 38.02
N ILE A 268 21.58 42.98 37.56
CA ILE A 268 21.95 42.99 36.14
C ILE A 268 21.73 41.58 35.60
N PRO A 269 20.83 41.36 34.63
CA PRO A 269 20.58 39.99 34.17
C PRO A 269 21.77 39.46 33.38
N SER A 270 22.44 38.45 33.93
CA SER A 270 23.57 37.84 33.25
C SER A 270 23.15 37.22 31.92
N THR A 271 21.88 36.85 31.77
CA THR A 271 21.43 36.22 30.55
C THR A 271 21.74 37.06 29.32
N LEU A 272 21.80 38.38 29.47
CA LEU A 272 22.07 39.23 28.32
C LEU A 272 23.38 38.84 27.64
N SER A 273 24.36 38.34 28.40
CA SER A 273 25.60 37.90 27.79
C SER A 273 25.32 36.92 26.66
N THR A 274 24.50 35.91 26.94
CA THR A 274 24.17 34.89 25.95
C THR A 274 23.80 35.53 24.61
N ILE A 275 23.14 36.68 24.65
CA ILE A 275 22.61 37.28 23.43
C ILE A 275 23.71 37.44 22.39
N VAL A 276 24.91 37.85 22.83
CA VAL A 276 25.98 38.10 21.86
C VAL A 276 26.25 36.84 21.05
N GLU A 277 26.37 35.70 21.73
CA GLU A 277 26.62 34.45 21.02
C GLU A 277 25.53 34.19 19.99
N SER A 278 24.28 34.47 20.34
CA SER A 278 23.20 34.28 19.38
C SER A 278 23.51 35.01 18.08
N LEU A 279 23.96 36.26 18.18
CA LEU A 279 24.28 37.01 16.97
C LEU A 279 25.40 36.33 16.19
N LYS A 280 26.42 35.85 16.91
CA LYS A 280 27.52 35.17 16.24
C LYS A 280 27.04 33.91 15.52
N LEU A 281 25.87 33.39 15.86
CA LEU A 281 25.30 32.24 15.19
C LEU A 281 24.03 32.59 14.42
N TYR A 282 23.71 33.88 14.30
CA TYR A 282 22.58 34.33 13.50
C TYR A 282 23.00 35.01 12.21
N LEU A 283 24.05 35.81 12.24
CA LEU A 283 24.56 36.48 11.04
C LEU A 283 25.06 35.46 10.04
N ASP A 293 26.17 47.41 11.79
CA ASP A 293 24.98 46.66 12.21
C ASP A 293 25.08 46.22 13.65
N MET A 294 26.24 45.70 14.03
CA MET A 294 26.39 45.04 15.33
C MET A 294 25.92 45.94 16.46
N ASP A 295 26.42 47.18 16.52
CA ASP A 295 26.05 48.08 17.60
C ASP A 295 24.55 48.38 17.57
N TYR A 296 24.04 48.80 16.41
CA TYR A 296 22.62 49.09 16.29
C TYR A 296 21.77 47.84 16.53
N LEU A 297 22.21 46.70 16.01
CA LEU A 297 21.44 45.48 16.24
C LEU A 297 21.35 45.17 17.72
N GLU A 298 22.48 45.23 18.43
CA GLU A 298 22.48 44.96 19.87
C GLU A 298 21.57 45.94 20.60
N MET A 299 21.62 47.21 20.22
CA MET A 299 20.69 48.17 20.81
C MET A 299 19.25 47.75 20.55
N ARG A 300 18.98 47.19 19.37
CA ARG A 300 17.62 46.79 19.04
C ARG A 300 17.15 45.62 19.92
N GLU A 301 17.98 44.59 20.05
CA GLU A 301 17.58 43.49 20.93
C GLU A 301 17.50 43.93 22.38
N LEU A 302 18.35 44.87 22.81
CA LEU A 302 18.25 45.37 24.17
C LEU A 302 16.92 46.08 24.39
N GLU A 303 16.52 46.90 23.43
CA GLU A 303 15.23 47.57 23.53
C GLU A 303 14.08 46.57 23.54
N ASN A 304 14.17 45.53 22.69
CA ASN A 304 13.13 44.51 22.67
C ASN A 304 13.05 43.78 24.01
N PHE A 305 14.21 43.47 24.60
CA PHE A 305 14.25 42.84 25.91
C PHE A 305 13.58 43.73 26.95
N ALA A 306 13.89 45.03 26.92
CA ALA A 306 13.26 45.95 27.86
C ALA A 306 11.75 45.99 27.67
N LYS A 307 11.29 46.03 26.42
CA LYS A 307 9.85 46.05 26.17
C LYS A 307 9.18 44.78 26.69
N VAL A 308 9.81 43.63 26.48
CA VAL A 308 9.22 42.38 26.94
C VAL A 308 9.14 42.37 28.46
N LEU A 309 10.20 42.79 29.14
CA LEU A 309 10.16 42.85 30.60
C LEU A 309 9.06 43.79 31.09
N LYS A 310 8.93 44.97 30.48
CA LYS A 310 7.87 45.88 30.91
C LYS A 310 6.49 45.26 30.68
N TYR A 311 6.31 44.59 29.53
CA TYR A 311 5.03 43.95 29.26
C TYR A 311 4.70 42.89 30.30
N LEU A 312 5.68 42.05 30.65
CA LEU A 312 5.42 40.99 31.62
C LEU A 312 5.19 41.55 33.02
N ILE A 313 5.89 42.62 33.40
CA ILE A 313 5.59 43.27 34.67
C ILE A 313 4.16 43.80 34.66
N GLY A 314 3.74 44.40 33.55
CA GLY A 314 2.36 44.82 33.43
C GLY A 314 1.38 43.66 33.55
N ARG A 315 1.77 42.48 33.08
CA ARG A 315 0.88 41.33 33.10
C ARG A 315 0.50 40.94 34.53
N ASN A 316 1.47 40.51 35.32
CA ASN A 316 1.21 39.91 36.62
C ASN A 316 0.81 40.95 37.65
N ALA A 317 0.27 40.46 38.77
CA ALA A 317 -0.10 41.29 39.91
C ALA A 317 0.93 41.25 41.03
N ALA A 318 1.64 40.12 41.18
CA ALA A 318 2.72 40.07 42.16
C ALA A 318 3.81 41.08 41.83
N THR A 319 4.00 41.37 40.55
CA THR A 319 4.95 42.39 40.09
C THR A 319 4.15 43.42 39.30
N LYS A 320 3.54 44.36 40.02
CA LYS A 320 2.68 45.36 39.41
C LYS A 320 2.97 46.74 40.00
N GLY A 321 4.24 47.07 40.17
CA GLY A 321 4.65 48.29 40.83
C GLY A 321 5.83 48.03 41.74
N TYR A 322 6.02 46.77 42.12
CA TYR A 322 7.18 46.34 42.89
C TYR A 322 8.39 46.06 42.02
N VAL A 323 8.36 46.48 40.76
CA VAL A 323 9.44 46.19 39.82
C VAL A 323 9.69 47.43 38.99
N ASN A 324 10.95 47.66 38.62
CA ASN A 324 11.30 48.70 37.66
C ASN A 324 12.47 48.20 36.82
N VAL A 325 12.60 48.78 35.63
CA VAL A 325 13.66 48.44 34.69
C VAL A 325 14.41 49.72 34.32
N LEU A 326 15.69 49.56 33.99
CA LEU A 326 16.54 50.71 33.69
C LEU A 326 17.36 50.37 32.46
N THR A 327 17.00 50.97 31.33
CA THR A 327 17.72 50.77 30.08
C THR A 327 18.85 51.79 29.97
N ASN A 328 19.59 51.73 28.87
CA ASN A 328 20.62 52.71 28.51
C ASN A 328 21.38 53.23 29.73
N VAL A 329 21.94 52.31 30.52
CA VAL A 329 22.67 52.67 31.73
C VAL A 329 24.12 52.97 31.35
N LYS A 330 24.61 54.12 31.82
CA LYS A 330 25.98 54.54 31.53
C LYS A 330 26.23 54.60 30.02
N PRO B 161 13.75 31.09 18.02
CA PRO B 161 13.69 31.59 19.40
C PRO B 161 14.27 30.60 20.42
N SER B 162 13.78 29.36 20.40
CA SER B 162 14.28 28.36 21.33
C SER B 162 15.77 28.09 21.12
N THR B 163 16.24 28.25 19.88
CA THR B 163 17.65 27.99 19.59
C THR B 163 18.55 28.92 20.39
N ALA B 164 18.21 30.21 20.44
CA ALA B 164 19.03 31.15 21.20
C ALA B 164 19.02 30.83 22.69
N LEU B 165 17.87 30.42 23.23
CA LEU B 165 17.81 30.01 24.62
C LEU B 165 18.71 28.82 24.88
N ALA B 166 18.69 27.83 23.99
CA ALA B 166 19.56 26.67 24.14
C ALA B 166 21.03 27.09 24.08
N ILE B 167 21.35 27.99 23.16
CA ILE B 167 22.74 28.45 23.01
C ILE B 167 23.19 29.14 24.30
N GLY B 168 22.33 29.98 24.87
CA GLY B 168 22.68 30.66 26.10
C GLY B 168 22.89 29.70 27.25
N TYR B 169 21.97 28.73 27.40
CA TYR B 169 22.14 27.72 28.44
C TYR B 169 23.47 27.00 28.26
N TYR B 170 23.73 26.49 27.05
CA TYR B 170 24.99 25.82 26.78
C TYR B 170 26.15 26.69 27.22
N ASN B 171 26.30 27.84 26.58
CA ASN B 171 27.44 28.70 26.86
C ASN B 171 27.60 28.84 28.36
N SER B 172 26.64 29.51 29.02
CA SER B 172 26.83 29.84 30.42
C SER B 172 27.13 28.58 31.22
N PHE B 173 26.14 27.69 31.34
CA PHE B 173 26.27 26.59 32.29
C PHE B 173 27.43 25.68 31.91
N ILE B 174 27.40 25.11 30.70
CA ILE B 174 28.38 24.10 30.35
C ILE B 174 29.78 24.68 30.36
N LYS B 175 29.98 25.83 29.69
CA LYS B 175 31.33 26.38 29.63
C LYS B 175 31.87 26.69 31.02
N ARG B 176 31.05 27.34 31.86
CA ARG B 176 31.54 27.71 33.19
C ARG B 176 31.86 26.48 34.02
N VAL B 177 30.97 25.49 34.03
CA VAL B 177 31.20 24.32 34.87
C VAL B 177 32.43 23.56 34.38
N CYS B 178 32.56 23.40 33.06
CA CYS B 178 33.72 22.69 32.53
C CYS B 178 35.02 23.42 32.88
N GLU B 179 35.04 24.74 32.70
CA GLU B 179 36.24 25.51 33.04
C GLU B 179 36.59 25.33 34.51
N GLU B 180 35.60 25.52 35.39
CA GLU B 180 35.89 25.49 36.82
C GLU B 180 36.35 24.10 37.25
N ILE B 181 35.67 23.05 36.77
CA ILE B 181 36.04 21.70 37.17
C ILE B 181 37.40 21.30 36.63
N HIS B 182 37.75 21.71 35.41
CA HIS B 182 39.06 21.37 34.86
C HIS B 182 40.17 22.16 35.54
N GLY B 183 39.91 23.42 35.91
CA GLY B 183 40.94 24.23 36.53
C GLY B 183 41.07 24.08 38.03
N SER B 184 40.11 23.45 38.69
CA SER B 184 40.12 23.32 40.14
C SER B 184 40.14 21.89 40.63
N GLU B 185 39.36 21.00 40.02
CA GLU B 185 39.23 19.62 40.48
C GLU B 185 38.80 19.58 41.94
N CYS B 186 38.01 20.56 42.36
CA CYS B 186 37.52 20.65 43.73
C CYS B 186 36.10 21.18 43.70
N VAL B 187 35.19 20.49 44.38
CA VAL B 187 33.79 20.89 44.45
C VAL B 187 33.28 20.62 45.87
N GLU B 188 32.17 21.26 46.23
CA GLU B 188 31.57 21.05 47.53
C GLU B 188 31.13 19.60 47.66
N LYS B 192 33.26 20.93 52.19
CA LYS B 192 34.55 20.27 51.95
C LYS B 192 34.81 20.10 50.46
N LYS B 193 36.05 19.76 50.12
CA LYS B 193 36.48 19.66 48.73
C LYS B 193 36.65 18.20 48.35
N ILE B 194 36.09 17.81 47.21
CA ILE B 194 36.23 16.45 46.70
C ILE B 194 37.22 16.47 45.54
N LYS B 195 37.85 15.32 45.28
CA LYS B 195 38.80 15.21 44.18
C LYS B 195 38.04 15.02 42.87
N VAL B 196 38.76 15.08 41.76
CA VAL B 196 38.19 14.88 40.43
C VAL B 196 39.20 14.16 39.57
N LYS B 197 38.84 12.96 39.11
CA LYS B 197 39.70 12.15 38.26
C LYS B 197 39.13 11.98 36.86
N SER B 198 37.86 11.59 36.76
CA SER B 198 37.18 11.47 35.46
C SER B 198 35.70 11.69 35.70
N PHE B 199 35.04 12.36 34.76
CA PHE B 199 33.64 12.73 34.94
C PHE B 199 33.02 13.05 33.59
N ARG B 200 31.70 13.14 33.60
CA ARG B 200 30.94 13.57 32.43
C ARG B 200 29.53 13.90 32.89
N VAL B 201 29.04 15.08 32.50
CA VAL B 201 27.73 15.54 32.90
C VAL B 201 26.71 15.08 31.88
N ASP B 202 25.64 14.45 32.38
CA ASP B 202 24.59 13.89 31.53
C ASP B 202 23.39 14.83 31.57
N VAL B 203 23.26 15.67 30.54
CA VAL B 203 22.11 16.55 30.43
C VAL B 203 20.97 15.73 29.85
N VAL B 204 19.97 15.43 30.67
CA VAL B 204 18.85 14.58 30.28
C VAL B 204 17.65 15.47 30.02
N ILE B 205 17.01 15.27 28.87
CA ILE B 205 15.97 16.17 28.38
C ILE B 205 14.61 15.48 28.42
N PRO B 206 13.61 16.04 29.08
CA PRO B 206 12.29 15.40 29.09
C PRO B 206 11.73 15.25 27.68
N GLU B 207 11.02 14.16 27.45
CA GLU B 207 10.41 13.94 26.14
C GLU B 207 9.20 14.84 25.94
N THR B 208 8.37 14.99 26.97
CA THR B 208 7.25 15.92 26.93
C THR B 208 7.28 16.77 28.19
N LEU B 209 6.78 17.99 28.07
CA LEU B 209 6.83 18.96 29.16
C LEU B 209 5.44 19.14 29.76
N ASP B 210 5.43 19.46 31.05
CA ASP B 210 4.20 19.76 31.75
C ASP B 210 3.71 21.16 31.39
N ASP B 211 2.44 21.42 31.69
CA ASP B 211 1.88 22.74 31.42
C ASP B 211 2.59 23.81 32.24
N ASN B 212 2.91 23.52 33.49
CA ASN B 212 3.50 24.50 34.39
C ASN B 212 5.00 24.63 34.24
N GLY B 213 5.67 23.69 33.57
CA GLY B 213 7.10 23.77 33.38
C GLY B 213 7.83 22.46 33.57
N VAL B 214 8.98 22.51 34.24
CA VAL B 214 9.84 21.35 34.40
C VAL B 214 10.06 20.95 35.85
N GLY B 215 9.62 21.77 36.81
CA GLY B 215 9.90 21.48 38.21
C GLY B 215 9.41 20.12 38.65
N ASN B 216 8.22 19.72 38.19
CA ASN B 216 7.66 18.45 38.62
C ASN B 216 8.54 17.28 38.15
N PHE B 217 8.92 17.29 36.87
CA PHE B 217 9.79 16.23 36.37
C PHE B 217 11.14 16.25 37.06
N THR B 218 11.68 17.45 37.31
CA THR B 218 12.95 17.55 38.01
C THR B 218 12.86 16.88 39.39
N THR B 219 11.80 17.19 40.14
CA THR B 219 11.63 16.62 41.46
C THR B 219 11.48 15.11 41.38
N LEU B 220 10.66 14.62 40.44
CA LEU B 220 10.45 13.19 40.32
C LEU B 220 11.77 12.47 40.02
N TYR B 221 12.51 12.96 39.02
CA TYR B 221 13.76 12.32 38.64
C TYR B 221 14.77 12.36 39.78
N ASN B 222 14.90 13.51 40.45
CA ASN B 222 15.87 13.61 41.53
C ASN B 222 15.52 12.67 42.67
N LYS B 223 14.24 12.59 43.04
CA LYS B 223 13.84 11.70 44.12
C LYS B 223 14.06 10.24 43.73
N ARG B 224 13.72 9.88 42.49
CA ARG B 224 13.91 8.49 42.08
C ARG B 224 15.38 8.11 42.08
N TYR B 225 16.26 9.00 41.61
CA TYR B 225 17.68 8.73 41.57
C TYR B 225 18.42 9.22 42.80
N GLY B 226 17.78 9.99 43.68
CA GLY B 226 18.43 10.48 44.87
C GLY B 226 19.76 11.13 44.59
N LEU B 227 19.75 12.20 43.80
CA LEU B 227 20.97 12.88 43.37
C LEU B 227 21.36 13.95 44.38
N SER B 228 22.61 13.87 44.85
CA SER B 228 23.14 14.88 45.75
C SER B 228 23.37 16.19 45.00
N LYS B 229 23.08 17.30 45.66
CA LYS B 229 23.22 18.63 45.08
C LYS B 229 24.40 19.33 45.72
N ALA B 230 25.22 19.98 44.90
CA ALA B 230 26.36 20.74 45.41
C ALA B 230 26.82 21.75 44.39
N THR B 231 27.56 22.75 44.86
CA THR B 231 28.11 23.80 44.03
C THR B 231 29.58 23.50 43.74
N THR B 232 30.16 24.26 42.82
CA THR B 232 31.58 24.10 42.47
C THR B 232 32.43 24.86 43.49
N CYS B 233 33.74 24.89 43.26
CA CYS B 233 34.64 25.60 44.16
C CYS B 233 34.34 27.10 44.13
N THR B 234 34.66 27.76 45.23
CA THR B 234 34.46 29.21 45.37
C THR B 234 35.70 29.81 46.00
N ASN B 235 36.33 30.75 45.29
CA ASN B 235 37.53 31.40 45.79
C ASN B 235 38.63 30.39 46.09
N GLY B 243 28.72 30.56 43.57
CA GLY B 243 28.86 29.20 43.10
C GLY B 243 27.73 28.80 42.16
N PHE B 244 27.90 27.65 41.50
CA PHE B 244 26.92 27.15 40.55
C PHE B 244 26.40 25.80 41.04
N PRO B 245 25.19 25.72 41.58
CA PRO B 245 24.68 24.43 42.03
C PRO B 245 24.46 23.46 40.88
N PHE B 246 24.52 22.17 41.21
CA PHE B 246 24.33 21.12 40.23
C PHE B 246 23.99 19.82 40.95
N HIS B 247 23.53 18.85 40.17
CA HIS B 247 23.14 17.55 40.69
C HIS B 247 24.11 16.47 40.23
N PHE B 248 24.34 15.48 41.08
CA PHE B 248 25.27 14.40 40.76
C PHE B 248 24.98 13.23 41.71
N LYS B 249 25.90 12.26 41.74
CA LYS B 249 25.79 11.14 42.67
C LYS B 249 26.92 11.19 43.70
N PRO B 260 38.48 10.35 46.74
CA PRO B 260 38.89 9.37 45.73
C PRO B 260 37.69 8.73 45.02
N VAL B 261 37.14 9.43 44.02
CA VAL B 261 35.98 8.94 43.29
C VAL B 261 35.81 9.73 42.00
N ASP B 262 35.19 9.10 41.00
CA ASP B 262 34.90 9.77 39.73
C ASP B 262 33.54 10.45 39.85
N ILE B 263 33.52 11.75 39.58
CA ILE B 263 32.28 12.53 39.67
C ILE B 263 31.38 12.17 38.49
N HIS B 264 30.07 12.19 38.74
CA HIS B 264 29.06 11.90 37.73
C HIS B 264 28.00 13.00 37.80
N LEU B 265 28.21 14.07 37.03
CA LEU B 265 27.33 15.22 37.07
C LEU B 265 26.04 14.93 36.32
N LEU B 266 24.96 15.55 36.78
CA LEU B 266 23.67 15.48 36.10
C LEU B 266 22.93 16.79 36.33
N ASP B 267 22.06 17.15 35.40
CA ASP B 267 21.33 18.41 35.49
C ASP B 267 20.08 18.36 34.63
N ILE B 268 18.97 18.82 35.20
CA ILE B 268 17.76 19.08 34.44
C ILE B 268 17.75 20.57 34.10
N PRO B 269 17.94 20.97 32.85
CA PRO B 269 17.99 22.40 32.54
C PRO B 269 16.61 23.03 32.70
N SER B 270 16.45 23.82 33.77
CA SER B 270 15.16 24.45 34.03
C SER B 270 14.74 25.35 32.89
N THR B 271 15.68 25.81 32.07
CA THR B 271 15.34 26.72 30.98
C THR B 271 14.29 26.12 30.05
N LEU B 272 14.23 24.78 29.97
CA LEU B 272 13.23 24.14 29.13
C LEU B 272 11.84 24.69 29.43
N SER B 273 11.54 24.93 30.70
CA SER B 273 10.22 25.46 31.06
C SER B 273 9.87 26.67 30.20
N THR B 274 10.80 27.63 30.11
CA THR B 274 10.56 28.86 29.35
C THR B 274 9.87 28.55 28.03
N ILE B 275 10.32 27.48 27.35
CA ILE B 275 9.79 27.17 26.03
C ILE B 275 8.26 27.24 26.04
N VAL B 276 7.63 26.43 26.89
CA VAL B 276 6.17 26.37 26.85
C VAL B 276 5.59 27.76 27.04
N GLU B 277 6.09 28.50 28.02
CA GLU B 277 5.59 29.84 28.25
C GLU B 277 5.68 30.68 26.98
N SER B 278 6.87 30.67 26.36
CA SER B 278 7.02 31.41 25.11
C SER B 278 6.02 30.91 24.08
N LEU B 279 5.92 29.59 23.92
CA LEU B 279 4.98 29.04 22.95
C LEU B 279 3.55 29.40 23.30
N LYS B 280 3.26 29.66 24.57
CA LYS B 280 1.93 30.12 24.96
C LYS B 280 1.73 31.59 24.60
N LEU B 281 2.77 32.40 24.72
CA LEU B 281 2.66 33.81 24.32
C LEU B 281 2.89 33.97 22.83
N TYR B 282 3.64 33.05 22.22
CA TYR B 282 3.85 33.09 20.78
C TYR B 282 2.53 33.07 20.01
N LEU B 283 1.56 32.28 20.48
CA LEU B 283 0.29 32.16 19.80
C LEU B 283 -0.87 32.37 20.76
N ASP B 293 -1.68 20.30 17.80
CA ASP B 293 -0.34 20.61 17.30
C ASP B 293 0.57 21.07 18.43
N MET B 294 -0.03 21.66 19.46
CA MET B 294 0.72 22.20 20.59
C MET B 294 1.79 21.23 21.06
N ASP B 295 1.39 20.01 21.40
CA ASP B 295 2.36 19.01 21.84
C ASP B 295 3.42 18.77 20.78
N TYR B 296 3.05 18.80 19.50
CA TYR B 296 4.03 18.58 18.45
C TYR B 296 4.98 19.77 18.33
N LEU B 297 4.48 20.98 18.56
CA LEU B 297 5.37 22.13 18.62
C LEU B 297 6.38 21.99 19.76
N GLU B 298 5.91 21.55 20.93
CA GLU B 298 6.83 21.30 22.03
C GLU B 298 7.86 20.24 21.66
N MET B 299 7.42 19.23 20.91
CA MET B 299 8.35 18.20 20.45
C MET B 299 9.42 18.81 19.54
N ARG B 300 9.00 19.68 18.61
CA ARG B 300 9.97 20.42 17.80
C ARG B 300 10.98 21.14 18.68
N GLU B 301 10.48 21.90 19.66
CA GLU B 301 11.40 22.68 20.49
C GLU B 301 12.36 21.78 21.24
N LEU B 302 11.87 20.64 21.75
CA LEU B 302 12.74 19.74 22.49
C LEU B 302 13.83 19.16 21.59
N GLU B 303 13.46 18.69 20.40
CA GLU B 303 14.47 18.11 19.52
C GLU B 303 15.47 19.17 19.09
N ASN B 304 15.00 20.38 18.78
CA ASN B 304 15.89 21.45 18.36
C ASN B 304 16.86 21.81 19.48
N PHE B 305 16.37 21.89 20.72
CA PHE B 305 17.20 22.19 21.87
C PHE B 305 18.28 21.12 22.01
N ALA B 306 17.88 19.85 21.94
CA ALA B 306 18.85 18.78 22.09
C ALA B 306 19.91 18.83 20.98
N LYS B 307 19.46 19.06 19.74
CA LYS B 307 20.36 19.08 18.60
C LYS B 307 21.37 20.22 18.71
N VAL B 308 20.90 21.43 19.02
CA VAL B 308 21.83 22.55 19.13
C VAL B 308 22.76 22.37 20.32
N LEU B 309 22.23 21.82 21.42
CA LEU B 309 23.08 21.56 22.58
C LEU B 309 24.22 20.62 22.21
N LYS B 310 23.90 19.48 21.61
CA LYS B 310 24.96 18.52 21.26
C LYS B 310 25.88 19.08 20.18
N TYR B 311 25.36 19.91 19.28
CA TYR B 311 26.21 20.52 18.28
C TYR B 311 27.25 21.43 18.91
N LEU B 312 26.81 22.34 19.79
CA LEU B 312 27.74 23.23 20.46
C LEU B 312 28.64 22.51 21.45
N ILE B 313 28.23 21.35 21.95
CA ILE B 313 29.14 20.51 22.73
C ILE B 313 30.24 19.95 21.84
N GLY B 314 29.86 19.40 20.69
CA GLY B 314 30.86 18.82 19.81
C GLY B 314 31.81 19.84 19.23
N ARG B 315 31.32 21.05 18.95
CA ARG B 315 32.15 22.05 18.29
C ARG B 315 33.34 22.45 19.16
N ASN B 316 33.10 22.69 20.44
CA ASN B 316 34.15 23.21 21.32
C ASN B 316 35.05 22.07 21.81
N ALA B 317 36.28 22.44 22.18
CA ALA B 317 37.25 21.43 22.62
C ALA B 317 37.22 21.26 24.13
N ALA B 318 37.00 22.35 24.87
CA ALA B 318 37.03 22.26 26.33
C ALA B 318 35.91 21.36 26.87
N THR B 319 34.84 21.18 26.10
CA THR B 319 33.70 20.37 26.52
C THR B 319 33.67 19.00 25.86
N LYS B 320 34.36 18.83 24.73
CA LYS B 320 34.29 17.59 23.97
C LYS B 320 34.62 16.39 24.84
N GLY B 321 33.75 15.38 24.79
CA GLY B 321 34.00 14.13 25.49
C GLY B 321 33.52 14.12 26.93
N TYR B 322 33.69 15.23 27.64
CA TYR B 322 33.40 15.32 29.06
C TYR B 322 31.96 15.72 29.34
N VAL B 323 31.05 15.45 28.42
CA VAL B 323 29.64 15.82 28.56
C VAL B 323 28.81 15.11 27.50
N ASN B 324 27.57 14.76 27.83
CA ASN B 324 26.69 14.12 26.86
C ASN B 324 25.25 14.49 27.16
N VAL B 325 24.44 14.51 26.10
CA VAL B 325 23.01 14.79 26.20
C VAL B 325 22.25 13.49 25.95
N LEU B 326 21.28 13.20 26.80
CA LEU B 326 20.51 11.97 26.75
C LEU B 326 19.03 12.32 26.56
N THR B 327 18.55 12.20 25.34
CA THR B 327 17.12 12.29 25.07
C THR B 327 16.50 10.91 25.27
N ASN B 328 15.21 10.80 24.94
CA ASN B 328 14.47 9.54 25.09
C ASN B 328 14.57 9.04 26.54
N VAL B 329 14.03 9.84 27.46
CA VAL B 329 14.12 9.57 28.89
C VAL B 329 12.71 9.52 29.46
N LYS B 330 12.38 8.42 30.12
CA LYS B 330 11.13 8.28 30.86
C LYS B 330 9.93 8.69 30.02
N LEU C 160 -21.36 29.71 28.19
CA LEU C 160 -19.93 29.77 28.46
C LEU C 160 -19.60 29.05 29.76
N PRO C 161 -18.34 28.63 29.93
CA PRO C 161 -17.92 27.90 31.14
C PRO C 161 -17.57 28.81 32.32
N SER C 162 -18.43 29.78 32.58
CA SER C 162 -18.34 30.63 33.76
C SER C 162 -19.57 30.55 34.64
N THR C 163 -20.71 30.12 34.09
CA THR C 163 -21.91 29.97 34.90
C THR C 163 -21.83 28.74 35.80
N ALA C 164 -21.24 27.65 35.29
CA ALA C 164 -21.09 26.46 36.11
C ALA C 164 -20.24 26.74 37.34
N LEU C 165 -19.11 27.43 37.15
CA LEU C 165 -18.24 27.76 38.27
C LEU C 165 -18.97 28.63 39.28
N ALA C 166 -19.71 29.63 38.80
CA ALA C 166 -20.44 30.50 39.70
C ALA C 166 -21.49 29.72 40.49
N ILE C 167 -22.25 28.87 39.81
CA ILE C 167 -23.28 28.08 40.48
C ILE C 167 -22.64 27.22 41.57
N GLY C 168 -21.59 26.48 41.21
CA GLY C 168 -20.97 25.59 42.17
C GLY C 168 -20.41 26.34 43.36
N TYR C 169 -19.63 27.39 43.10
CA TYR C 169 -19.03 28.15 44.19
C TYR C 169 -20.09 28.71 45.11
N TYR C 170 -21.07 29.43 44.54
CA TYR C 170 -22.12 29.98 45.38
C TYR C 170 -22.76 28.87 46.19
N ASN C 171 -23.44 27.95 45.52
CA ASN C 171 -24.19 26.93 46.25
C ASN C 171 -23.32 26.38 47.37
N SER C 172 -22.26 25.66 47.01
CA SER C 172 -21.50 24.97 48.06
C SER C 172 -21.02 25.95 49.11
N PHE C 173 -20.07 26.82 48.75
CA PHE C 173 -19.39 27.61 49.77
C PHE C 173 -20.36 28.55 50.47
N ILE C 174 -21.00 29.43 49.71
CA ILE C 174 -21.81 30.48 50.32
C ILE C 174 -22.97 29.87 51.10
N LYS C 175 -23.74 28.97 50.47
CA LYS C 175 -24.91 28.46 51.18
C LYS C 175 -24.49 27.70 52.43
N ARG C 176 -23.47 26.83 52.32
CA ARG C 176 -23.08 26.05 53.48
C ARG C 176 -22.61 26.94 54.62
N VAL C 177 -21.70 27.88 54.33
CA VAL C 177 -21.15 28.73 55.39
C VAL C 177 -22.26 29.58 56.00
N CYS C 178 -23.10 30.18 55.15
CA CYS C 178 -24.16 31.05 55.66
C CYS C 178 -25.12 30.30 56.55
N GLU C 179 -25.58 29.12 56.10
CA GLU C 179 -26.52 28.37 56.91
C GLU C 179 -25.88 27.90 58.21
N GLU C 180 -24.64 27.41 58.14
CA GLU C 180 -23.98 26.93 59.35
C GLU C 180 -23.79 28.05 60.37
N ILE C 181 -23.34 29.21 59.90
CA ILE C 181 -23.08 30.33 60.80
C ILE C 181 -24.37 30.97 61.32
N HIS C 182 -25.44 30.99 60.52
CA HIS C 182 -26.73 31.43 61.03
C HIS C 182 -27.30 30.45 62.05
N GLY C 183 -26.98 29.16 61.91
CA GLY C 183 -27.46 28.18 62.86
C GLY C 183 -26.60 28.05 64.11
N SER C 184 -25.37 28.56 64.07
CA SER C 184 -24.44 28.41 65.18
C SER C 184 -24.04 29.73 65.81
N GLU C 185 -23.80 30.77 65.00
CA GLU C 185 -23.33 32.06 65.50
C GLU C 185 -22.02 31.91 66.26
N CYS C 186 -20.99 31.46 65.55
CA CYS C 186 -19.65 31.34 66.13
C CYS C 186 -18.68 30.92 65.04
N VAL C 187 -17.40 31.20 65.28
CA VAL C 187 -16.32 30.88 64.36
C VAL C 187 -15.14 30.36 65.18
N GLU C 188 -14.13 29.84 64.48
CA GLU C 188 -12.95 29.23 65.09
C GLU C 188 -11.72 30.01 64.65
N LEU C 189 -11.38 31.07 65.37
CA LEU C 189 -10.18 31.85 65.08
C LEU C 189 -8.94 31.11 65.58
N LYS C 192 -8.57 28.46 69.16
CA LYS C 192 -9.44 29.20 70.07
C LYS C 192 -10.76 29.55 69.39
N LYS C 193 -11.77 29.83 70.21
CA LYS C 193 -13.14 30.02 69.76
C LYS C 193 -13.53 31.50 69.83
N ILE C 194 -14.36 31.93 68.88
CA ILE C 194 -14.88 33.29 68.83
C ILE C 194 -16.38 33.22 68.58
N LYS C 195 -17.08 34.29 68.96
CA LYS C 195 -18.53 34.37 68.79
C LYS C 195 -18.86 35.64 68.01
N VAL C 196 -20.06 35.66 67.43
CA VAL C 196 -20.45 36.66 66.44
C VAL C 196 -21.77 37.30 66.84
N LYS C 197 -22.08 38.43 66.20
CA LYS C 197 -23.33 39.16 66.42
C LYS C 197 -24.11 39.44 65.15
N SER C 198 -23.44 39.88 64.08
CA SER C 198 -24.12 40.25 62.85
C SER C 198 -23.18 39.98 61.67
N PHE C 199 -23.76 39.83 60.49
CA PHE C 199 -23.12 39.14 59.38
C PHE C 199 -23.08 40.04 58.16
N ARG C 200 -21.93 40.06 57.48
CA ARG C 200 -21.77 40.73 56.20
C ARG C 200 -20.66 40.04 55.42
N VAL C 201 -21.02 39.36 54.35
CA VAL C 201 -20.08 38.60 53.53
C VAL C 201 -19.90 39.34 52.21
N ASP C 202 -18.65 39.64 51.88
CA ASP C 202 -18.33 40.39 50.67
C ASP C 202 -17.47 39.53 49.76
N VAL C 203 -17.95 39.28 48.55
CA VAL C 203 -17.17 38.59 47.54
C VAL C 203 -16.31 39.63 46.82
N VAL C 204 -15.03 39.32 46.66
CA VAL C 204 -14.07 40.21 46.02
C VAL C 204 -13.64 39.58 44.70
N ILE C 205 -13.74 40.35 43.62
CA ILE C 205 -13.47 39.87 42.28
C ILE C 205 -12.37 40.74 41.66
N PRO C 206 -11.23 40.18 41.26
CA PRO C 206 -10.21 41.00 40.61
C PRO C 206 -10.70 41.54 39.27
N GLU C 207 -10.18 42.71 38.90
CA GLU C 207 -10.59 43.32 37.64
C GLU C 207 -10.17 42.46 36.45
N THR C 208 -8.98 41.86 36.49
CA THR C 208 -8.54 40.93 35.46
C THR C 208 -7.72 39.83 36.13
N LEU C 209 -7.73 38.67 35.51
CA LEU C 209 -7.05 37.50 36.04
C LEU C 209 -5.56 37.53 35.68
N ASP C 210 -4.78 36.75 36.42
CA ASP C 210 -3.36 36.60 36.18
C ASP C 210 -3.10 35.36 35.34
N ASP C 211 -1.85 35.20 34.91
CA ASP C 211 -1.51 34.09 34.04
C ASP C 211 -1.44 32.77 34.80
N ASN C 212 -1.18 32.83 36.11
CA ASN C 212 -0.93 31.62 36.91
C ASN C 212 -1.77 31.64 38.18
N GLY C 213 -3.06 31.88 38.03
CA GLY C 213 -4.00 31.79 39.13
C GLY C 213 -4.09 33.10 39.90
N VAL C 214 -4.86 33.04 40.99
CA VAL C 214 -5.13 34.20 41.84
C VAL C 214 -4.52 34.04 43.22
N GLY C 215 -3.60 33.08 43.41
CA GLY C 215 -2.97 32.94 44.70
C GLY C 215 -2.15 34.14 45.10
N ASN C 216 -1.35 34.67 44.16
CA ASN C 216 -0.55 35.85 44.45
C ASN C 216 -1.43 37.05 44.77
N PHE C 217 -2.52 37.23 44.02
CA PHE C 217 -3.44 38.32 44.32
C PHE C 217 -4.06 38.16 45.70
N THR C 218 -4.41 36.92 46.06
CA THR C 218 -4.97 36.67 47.39
C THR C 218 -3.97 37.03 48.48
N THR C 219 -2.71 36.63 48.31
CA THR C 219 -1.70 36.93 49.31
C THR C 219 -1.46 38.43 49.41
N LEU C 220 -1.44 39.13 48.27
CA LEU C 220 -1.27 40.57 48.28
C LEU C 220 -2.42 41.24 49.03
N TYR C 221 -3.65 40.78 48.78
CA TYR C 221 -4.80 41.33 49.48
C TYR C 221 -4.69 41.08 50.98
N ASN C 222 -4.24 39.88 51.36
CA ASN C 222 -4.08 39.58 52.77
C ASN C 222 -3.08 40.54 53.42
N LYS C 223 -1.92 40.70 52.81
CA LYS C 223 -0.91 41.59 53.40
C LYS C 223 -1.36 43.05 53.39
N ARG C 224 -2.19 43.45 52.42
CA ARG C 224 -2.64 44.83 52.34
C ARG C 224 -3.72 45.12 53.38
N TYR C 225 -4.61 44.16 53.65
CA TYR C 225 -5.70 44.35 54.59
C TYR C 225 -5.53 43.59 55.89
N GLY C 226 -4.64 42.60 55.93
CA GLY C 226 -4.40 41.86 57.16
C GLY C 226 -5.59 41.07 57.66
N LEU C 227 -6.25 40.33 56.78
CA LEU C 227 -7.40 39.53 57.18
C LEU C 227 -6.97 38.48 58.21
N SER C 228 -7.97 37.82 58.81
CA SER C 228 -7.73 36.87 59.88
C SER C 228 -8.42 35.55 59.56
N LYS C 229 -7.80 34.46 60.01
CA LYS C 229 -8.19 33.11 59.63
C LYS C 229 -9.24 32.57 60.60
N ALA C 230 -10.24 31.88 60.06
CA ALA C 230 -11.19 31.14 60.91
C ALA C 230 -12.07 30.20 60.11
N THR C 231 -12.20 28.97 60.57
CA THR C 231 -13.11 28.00 59.97
C THR C 231 -14.45 28.06 60.69
N THR C 232 -15.40 27.24 60.26
CA THR C 232 -16.71 27.19 60.89
C THR C 232 -16.69 26.21 62.05
N CYS C 233 -17.54 26.49 63.04
CA CYS C 233 -17.59 25.69 64.27
C CYS C 233 -18.32 24.39 63.99
N THR C 234 -17.54 23.37 63.62
CA THR C 234 -18.04 22.02 63.40
C THR C 234 -17.50 21.10 64.48
N ASN C 235 -18.37 20.25 65.02
CA ASN C 235 -17.99 19.31 66.07
C ASN C 235 -17.91 17.89 65.52
N ARG C 242 -16.43 19.25 58.82
CA ARG C 242 -16.52 19.98 57.56
C ARG C 242 -16.02 21.42 57.73
N GLY C 243 -14.76 21.55 58.12
CA GLY C 243 -14.16 22.86 58.30
C GLY C 243 -14.17 23.67 57.03
N PHE C 244 -14.45 24.97 57.14
CA PHE C 244 -14.49 25.90 56.01
C PHE C 244 -13.61 27.08 56.34
N PRO C 245 -12.28 26.93 56.23
CA PRO C 245 -11.39 28.05 56.55
C PRO C 245 -11.68 29.26 55.67
N PHE C 246 -11.96 30.40 56.31
CA PHE C 246 -12.28 31.63 55.62
C PHE C 246 -11.53 32.78 56.27
N HIS C 247 -11.60 33.95 55.63
CA HIS C 247 -10.84 35.13 56.02
C HIS C 247 -11.81 36.24 56.38
N PHE C 248 -11.78 36.68 57.63
CA PHE C 248 -12.70 37.70 58.11
C PHE C 248 -11.90 38.92 58.57
N LYS C 249 -12.57 40.07 58.59
CA LYS C 249 -11.95 41.31 59.02
C LYS C 249 -12.44 41.70 60.41
N PRO C 260 -21.72 39.35 70.43
CA PRO C 260 -20.99 40.39 71.14
C PRO C 260 -20.08 41.21 70.22
N VAL C 261 -19.83 40.71 69.02
CA VAL C 261 -18.99 41.39 68.04
C VAL C 261 -19.58 41.18 66.65
N ASP C 262 -19.53 42.22 65.83
CA ASP C 262 -19.96 42.13 64.43
C ASP C 262 -18.78 41.73 63.57
N ILE C 263 -19.02 40.83 62.61
CA ILE C 263 -17.98 40.31 61.75
C ILE C 263 -18.27 40.71 60.31
N HIS C 264 -17.26 41.27 59.65
CA HIS C 264 -17.35 41.66 58.24
C HIS C 264 -16.53 40.67 57.43
N LEU C 265 -17.16 39.58 57.03
CA LEU C 265 -16.49 38.53 56.27
C LEU C 265 -16.25 38.97 54.83
N LEU C 266 -15.17 38.48 54.25
CA LEU C 266 -14.85 38.74 52.85
C LEU C 266 -13.91 37.65 52.36
N ASP C 267 -13.91 37.43 51.05
CA ASP C 267 -13.09 36.38 50.47
C ASP C 267 -12.93 36.64 48.98
N ILE C 268 -11.82 36.14 48.43
CA ILE C 268 -11.59 36.12 46.99
C ILE C 268 -11.76 34.68 46.54
N PRO C 269 -12.80 34.35 45.76
CA PRO C 269 -13.03 32.94 45.42
C PRO C 269 -11.88 32.38 44.60
N SER C 270 -11.16 31.41 45.17
CA SER C 270 -10.05 30.80 44.46
C SER C 270 -10.50 30.15 43.15
N THR C 271 -11.78 29.77 43.05
CA THR C 271 -12.26 29.11 41.85
C THR C 271 -12.02 29.93 40.60
N LEU C 272 -11.92 31.26 40.73
CA LEU C 272 -11.65 32.09 39.57
C LEU C 272 -10.42 31.61 38.81
N SER C 273 -9.41 31.11 39.53
CA SER C 273 -8.21 30.61 38.86
C SER C 273 -8.57 29.64 37.74
N THR C 274 -9.45 28.68 38.05
CA THR C 274 -9.87 27.68 37.08
C THR C 274 -10.13 28.29 35.72
N ILE C 275 -10.79 29.46 35.71
CA ILE C 275 -11.26 30.02 34.45
C ILE C 275 -10.10 30.15 33.46
N VAL C 276 -8.95 30.64 33.92
CA VAL C 276 -7.83 30.84 33.01
C VAL C 276 -7.50 29.55 32.28
N GLU C 277 -7.42 28.45 33.01
CA GLU C 277 -7.10 27.18 32.37
C GLU C 277 -8.13 26.82 31.32
N SER C 278 -9.42 27.01 31.63
CA SER C 278 -10.45 26.72 30.65
C SER C 278 -10.20 27.51 29.37
N LEU C 279 -9.72 28.75 29.50
CA LEU C 279 -9.47 29.57 28.33
C LEU C 279 -8.40 28.95 27.46
N LYS C 280 -7.38 28.36 28.08
CA LYS C 280 -6.34 27.69 27.32
C LYS C 280 -6.86 26.48 26.56
N LEU C 281 -8.02 25.95 26.97
CA LEU C 281 -8.63 24.81 26.31
C LEU C 281 -9.92 25.19 25.57
N TYR C 282 -10.11 26.47 25.28
CA TYR C 282 -11.31 26.93 24.59
C TYR C 282 -10.92 27.69 23.32
N PHE C 292 -5.82 41.55 21.39
CA PHE C 292 -5.73 40.71 22.57
C PHE C 292 -7.11 40.27 23.03
N ASP C 293 -7.66 39.27 22.35
CA ASP C 293 -8.97 38.74 22.72
C ASP C 293 -8.96 38.07 24.09
N MET C 294 -7.80 37.61 24.55
CA MET C 294 -7.75 36.86 25.81
C MET C 294 -8.28 37.70 26.97
N ASP C 295 -7.74 38.90 27.15
CA ASP C 295 -8.13 39.74 28.28
C ASP C 295 -9.59 40.17 28.15
N TYR C 296 -9.99 40.54 26.93
CA TYR C 296 -11.36 40.95 26.68
C TYR C 296 -12.34 39.85 27.08
N LEU C 297 -12.11 38.65 26.57
CA LEU C 297 -12.91 37.50 26.96
C LEU C 297 -12.86 37.30 28.46
N GLU C 298 -11.68 37.46 29.06
CA GLU C 298 -11.53 37.21 30.49
C GLU C 298 -12.47 38.08 31.31
N MET C 299 -12.48 39.39 31.09
CA MET C 299 -13.38 40.16 31.94
C MET C 299 -14.84 39.97 31.51
N ARG C 300 -15.10 39.52 30.28
CA ARG C 300 -16.46 39.06 30.01
C ARG C 300 -16.88 37.93 30.95
N GLU C 301 -16.08 36.87 31.04
CA GLU C 301 -16.51 35.80 31.95
C GLU C 301 -16.49 36.27 33.40
N LEU C 302 -15.64 37.22 33.74
CA LEU C 302 -15.62 37.73 35.12
C LEU C 302 -16.94 38.43 35.45
N GLU C 303 -17.38 39.33 34.57
CA GLU C 303 -18.65 40.01 34.80
C GLU C 303 -19.83 39.04 34.73
N ASN C 304 -19.75 38.02 33.87
CA ASN C 304 -20.80 37.01 33.85
C ASN C 304 -20.85 36.24 35.17
N PHE C 305 -19.68 35.92 35.72
CA PHE C 305 -19.60 35.28 37.02
C PHE C 305 -20.24 36.15 38.10
N ALA C 306 -19.93 37.44 38.08
CA ALA C 306 -20.55 38.36 39.03
C ALA C 306 -22.07 38.38 38.88
N LYS C 307 -22.56 38.40 37.63
CA LYS C 307 -24.00 38.40 37.41
C LYS C 307 -24.65 37.13 37.94
N VAL C 308 -24.02 35.98 37.71
CA VAL C 308 -24.58 34.72 38.19
C VAL C 308 -24.62 34.72 39.72
N LEU C 309 -23.55 35.20 40.35
CA LEU C 309 -23.56 35.30 41.81
C LEU C 309 -24.69 36.20 42.30
N LYS C 310 -24.87 37.35 41.66
CA LYS C 310 -25.94 38.24 42.09
C LYS C 310 -27.32 37.60 41.91
N TYR C 311 -27.51 36.89 40.80
CA TYR C 311 -28.77 36.18 40.59
C TYR C 311 -29.01 35.17 41.70
N LEU C 312 -27.98 34.40 42.06
CA LEU C 312 -28.14 33.41 43.11
C LEU C 312 -28.36 34.05 44.48
N ILE C 313 -27.80 35.24 44.73
CA ILE C 313 -28.15 35.99 45.92
C ILE C 313 -29.63 36.32 45.90
N GLY C 314 -30.13 36.76 44.75
CA GLY C 314 -31.55 37.05 44.63
C GLY C 314 -32.42 35.83 44.86
N ARG C 315 -31.91 34.65 44.51
CA ARG C 315 -32.70 33.42 44.62
C ARG C 315 -33.13 33.16 46.06
N ASN C 316 -32.19 32.92 46.95
CA ASN C 316 -32.48 32.44 48.29
C ASN C 316 -32.71 33.61 49.24
N ALA C 317 -33.23 33.29 50.42
CA ALA C 317 -33.46 34.26 51.48
C ALA C 317 -32.32 34.32 52.47
N ALA C 318 -31.62 33.20 52.71
CA ALA C 318 -30.48 33.22 53.62
C ALA C 318 -29.43 34.22 53.18
N THR C 319 -29.35 34.49 51.88
CA THR C 319 -28.47 35.51 51.31
C THR C 319 -29.36 36.51 50.57
N LYS C 320 -29.88 37.48 51.32
CA LYS C 320 -30.83 38.45 50.77
C LYS C 320 -30.58 39.85 51.33
N GLY C 321 -29.32 40.18 51.59
CA GLY C 321 -28.99 41.46 52.20
C GLY C 321 -27.82 41.34 53.15
N TYR C 322 -27.51 40.10 53.57
CA TYR C 322 -26.33 39.82 54.36
C TYR C 322 -25.12 39.53 53.50
N VAL C 323 -25.08 40.05 52.28
CA VAL C 323 -24.08 39.68 51.29
C VAL C 323 -23.96 40.80 50.27
N ASN C 324 -22.77 40.94 49.68
CA ASN C 324 -22.57 41.83 48.56
C ASN C 324 -21.34 41.37 47.78
N VAL C 325 -21.22 41.88 46.55
CA VAL C 325 -20.13 41.53 45.66
C VAL C 325 -19.43 42.82 45.20
N LEU C 326 -18.16 42.68 44.85
CA LEU C 326 -17.36 43.81 44.41
C LEU C 326 -16.58 43.39 43.17
N THR C 327 -16.78 44.11 42.08
CA THR C 327 -16.11 43.82 40.82
C THR C 327 -14.90 44.75 40.66
N ASN C 328 -14.25 44.67 39.50
CA ASN C 328 -13.17 45.57 39.10
C ASN C 328 -12.27 45.98 40.27
N VAL C 329 -11.83 45.01 41.06
CA VAL C 329 -10.95 45.28 42.19
C VAL C 329 -9.50 45.12 41.75
N PRO D 161 -20.70 21.83 30.17
CA PRO D 161 -20.95 22.31 31.53
C PRO D 161 -20.08 21.63 32.57
N SER D 162 -20.00 20.30 32.50
CA SER D 162 -19.19 19.56 33.46
C SER D 162 -17.71 19.69 33.16
N THR D 163 -17.35 19.99 31.92
CA THR D 163 -15.94 19.99 31.52
C THR D 163 -15.14 21.07 32.26
N ALA D 164 -15.68 22.30 32.33
CA ALA D 164 -14.94 23.37 32.98
C ALA D 164 -14.79 23.13 34.48
N LEU D 165 -15.87 22.69 35.12
CA LEU D 165 -15.81 22.37 36.54
C LEU D 165 -14.82 21.25 36.80
N ALA D 166 -14.81 20.25 35.92
CA ALA D 166 -13.86 19.15 36.05
C ALA D 166 -12.42 19.64 35.92
N ILE D 167 -12.17 20.52 34.95
CA ILE D 167 -10.83 21.08 34.79
C ILE D 167 -10.41 21.81 36.05
N GLY D 168 -11.32 22.63 36.60
CA GLY D 168 -10.99 23.36 37.81
C GLY D 168 -10.69 22.43 38.98
N TYR D 169 -11.53 21.42 39.19
CA TYR D 169 -11.30 20.48 40.28
C TYR D 169 -9.97 19.78 40.12
N TYR D 170 -9.71 19.24 38.94
CA TYR D 170 -8.45 18.56 38.69
C TYR D 170 -7.32 19.50 39.04
N ASN D 171 -7.24 20.62 38.34
CA ASN D 171 -6.16 21.56 38.55
C ASN D 171 -5.95 21.74 40.04
N SER D 172 -6.90 22.38 40.70
CA SER D 172 -6.67 22.78 42.08
C SER D 172 -6.30 21.56 42.92
N PHE D 173 -7.26 20.66 43.13
CA PHE D 173 -7.06 19.63 44.15
C PHE D 173 -5.91 18.72 43.77
N ILE D 174 -5.94 18.15 42.58
CA ILE D 174 -4.97 17.11 42.23
C ILE D 174 -3.57 17.70 42.14
N LYS D 175 -3.39 18.78 41.38
CA LYS D 175 -2.03 19.30 41.26
C LYS D 175 -1.50 19.74 42.61
N ARG D 176 -2.32 20.44 43.41
CA ARG D 176 -1.82 20.92 44.69
C ARG D 176 -1.43 19.76 45.59
N VAL D 177 -2.31 18.76 45.73
CA VAL D 177 -2.03 17.67 46.67
C VAL D 177 -0.82 16.88 46.20
N CYS D 178 -0.74 16.57 44.90
CA CYS D 178 0.39 15.81 44.40
C CYS D 178 1.70 16.57 44.60
N GLU D 179 1.70 17.88 44.30
CA GLU D 179 2.92 18.66 44.44
C GLU D 179 3.36 18.73 45.89
N GLU D 180 2.42 18.99 46.81
CA GLU D 180 2.80 19.07 48.22
C GLU D 180 3.31 17.73 48.73
N ILE D 181 2.64 16.63 48.37
CA ILE D 181 3.10 15.34 48.85
C ILE D 181 4.49 15.01 48.28
N HIS D 182 4.73 15.28 47.00
CA HIS D 182 6.03 15.02 46.41
C HIS D 182 7.12 15.87 47.03
N GLY D 183 6.85 17.16 47.27
CA GLY D 183 7.86 18.05 47.82
C GLY D 183 8.04 17.97 49.32
N SER D 184 7.13 17.30 50.02
CA SER D 184 7.22 17.17 51.48
C SER D 184 7.20 15.74 51.96
N GLU D 185 6.40 14.87 51.33
CA GLU D 185 6.27 13.48 51.77
C GLU D 185 5.88 13.40 53.25
N CYS D 186 5.00 14.30 53.69
CA CYS D 186 4.57 14.36 55.08
C CYS D 186 3.16 14.93 55.12
N VAL D 187 2.29 14.27 55.88
CA VAL D 187 0.91 14.69 56.04
C VAL D 187 0.59 14.73 57.54
N GLU D 188 -0.09 15.78 57.97
CA GLU D 188 -0.44 15.95 59.38
C GLU D 188 -1.63 15.05 59.69
N LEU D 189 -1.34 13.76 59.91
CA LEU D 189 -2.35 12.78 60.27
C LEU D 189 -2.53 12.82 61.79
N GLU D 190 -3.62 13.42 62.25
CA GLU D 190 -3.81 13.73 63.66
C GLU D 190 -2.65 14.56 64.20
N GLY D 191 -2.21 15.51 63.38
CA GLY D 191 -1.16 16.44 63.80
C GLY D 191 0.17 15.76 64.07
N LYS D 192 0.55 14.79 63.25
CA LYS D 192 1.85 14.16 63.38
C LYS D 192 2.29 13.66 62.00
N LYS D 193 3.55 13.94 61.66
CA LYS D 193 4.05 13.72 60.31
C LYS D 193 4.25 12.23 60.05
N ILE D 194 3.73 11.77 58.92
CA ILE D 194 3.90 10.38 58.48
C ILE D 194 4.89 10.36 57.33
N LYS D 195 5.50 9.21 57.06
CA LYS D 195 6.39 9.06 55.92
C LYS D 195 5.57 8.85 54.66
N VAL D 196 6.22 8.83 53.51
CA VAL D 196 5.57 8.56 52.23
C VAL D 196 6.56 7.82 51.35
N LYS D 197 6.19 6.62 50.91
CA LYS D 197 7.02 5.80 50.03
C LYS D 197 6.34 5.51 48.71
N SER D 198 5.05 5.19 48.72
CA SER D 198 4.29 4.98 47.50
C SER D 198 2.85 5.35 47.77
N PHE D 199 2.22 6.07 46.84
CA PHE D 199 0.87 6.54 47.03
C PHE D 199 0.23 6.80 45.68
N ARG D 200 -1.09 6.98 45.70
CA ARG D 200 -1.84 7.42 44.53
C ARG D 200 -3.25 7.76 44.98
N VAL D 201 -3.82 8.82 44.41
CA VAL D 201 -5.16 9.25 44.76
C VAL D 201 -6.16 8.57 43.83
N ASP D 202 -7.13 7.87 44.42
CA ASP D 202 -8.21 7.24 43.68
C ASP D 202 -9.43 8.14 43.80
N VAL D 203 -9.76 8.83 42.71
CA VAL D 203 -10.95 9.66 42.67
C VAL D 203 -12.09 8.79 42.19
N VAL D 204 -13.09 8.56 43.05
CA VAL D 204 -14.17 7.63 42.77
C VAL D 204 -15.45 8.43 42.57
N ILE D 205 -16.16 8.13 41.47
CA ILE D 205 -17.25 8.97 41.00
C ILE D 205 -18.57 8.20 41.07
N PRO D 206 -19.59 8.72 41.76
CA PRO D 206 -20.88 8.02 41.79
C PRO D 206 -21.47 7.86 40.39
N GLU D 207 -22.18 6.75 40.18
CA GLU D 207 -22.82 6.52 38.89
C GLU D 207 -24.08 7.36 38.75
N THR D 208 -24.80 7.58 39.85
CA THR D 208 -25.98 8.42 39.84
C THR D 208 -25.92 9.36 41.03
N LEU D 209 -26.55 10.52 40.89
CA LEU D 209 -26.51 11.56 41.90
C LEU D 209 -27.89 11.77 42.49
N ASP D 210 -27.89 12.13 43.77
CA ASP D 210 -29.12 12.39 44.50
C ASP D 210 -29.67 13.78 44.17
N ASP D 211 -30.94 13.98 44.46
CA ASP D 211 -31.55 15.29 44.23
C ASP D 211 -30.89 16.36 45.09
N ASN D 212 -30.53 16.00 46.33
CA ASN D 212 -29.93 16.95 47.26
C ASN D 212 -28.44 17.16 47.03
N GLY D 213 -27.78 16.30 46.26
CA GLY D 213 -26.37 16.45 46.00
C GLY D 213 -25.59 15.16 46.12
N VAL D 214 -24.38 15.25 46.68
CA VAL D 214 -23.47 14.12 46.79
C VAL D 214 -23.18 13.74 48.23
N GLY D 215 -23.67 14.50 49.21
CA GLY D 215 -23.31 14.24 50.60
C GLY D 215 -23.64 12.82 51.06
N ASN D 216 -24.81 12.31 50.65
CA ASN D 216 -25.22 10.98 51.13
C ASN D 216 -24.24 9.91 50.69
N PHE D 217 -23.86 9.91 49.40
CA PHE D 217 -22.91 8.90 48.91
C PHE D 217 -21.57 9.04 49.61
N THR D 218 -21.10 10.28 49.80
CA THR D 218 -19.83 10.50 50.48
C THR D 218 -19.87 9.91 51.88
N THR D 219 -20.94 10.19 52.62
CA THR D 219 -21.07 9.68 53.98
C THR D 219 -21.09 8.16 53.99
N LEU D 220 -21.88 7.57 53.08
CA LEU D 220 -21.98 6.11 53.04
C LEU D 220 -20.61 5.48 52.76
N TYR D 221 -19.91 5.99 51.75
CA TYR D 221 -18.62 5.41 51.39
C TYR D 221 -17.61 5.57 52.51
N ASN D 222 -17.54 6.77 53.11
CA ASN D 222 -16.58 7.00 54.17
C ASN D 222 -16.87 6.12 55.38
N LYS D 223 -18.15 5.98 55.75
CA LYS D 223 -18.49 5.13 56.88
C LYS D 223 -18.19 3.66 56.59
N ARG D 224 -18.48 3.21 55.36
CA ARG D 224 -18.20 1.82 55.02
C ARG D 224 -16.70 1.53 55.09
N TYR D 225 -15.88 2.43 54.54
CA TYR D 225 -14.44 2.23 54.55
C TYR D 225 -13.76 2.86 55.76
N GLY D 226 -14.44 3.77 56.46
CA GLY D 226 -13.87 4.38 57.66
C GLY D 226 -12.56 5.09 57.37
N LEU D 227 -12.51 5.83 56.27
CA LEU D 227 -11.29 6.51 55.87
C LEU D 227 -11.01 7.67 56.81
N SER D 228 -9.80 7.70 57.36
CA SER D 228 -9.39 8.79 58.24
C SER D 228 -9.10 10.03 57.41
N LYS D 229 -9.48 11.20 57.93
CA LYS D 229 -9.30 12.47 57.24
C LYS D 229 -8.14 13.22 57.85
N ALA D 230 -7.26 13.75 56.98
CA ALA D 230 -6.14 14.55 57.44
C ALA D 230 -5.70 15.47 56.31
N THR D 231 -4.93 16.50 56.67
CA THR D 231 -4.48 17.50 55.72
C THR D 231 -3.05 17.19 55.27
N THR D 232 -2.52 18.06 54.40
CA THR D 232 -1.15 17.94 53.93
C THR D 232 -0.23 18.74 54.85
N CYS D 233 1.06 18.77 54.52
CA CYS D 233 2.02 19.54 55.31
C CYS D 233 1.65 21.01 55.26
N THR D 234 1.69 21.66 56.42
CA THR D 234 1.33 23.08 56.55
C THR D 234 2.58 23.88 56.88
N ASN D 235 2.85 24.91 56.09
CA ASN D 235 4.00 25.77 56.31
C ASN D 235 5.30 24.97 56.33
N ARG D 242 -2.47 26.53 52.04
CA ARG D 242 -3.65 26.31 52.87
C ARG D 242 -3.96 24.82 52.89
N GLY D 243 -4.23 24.29 54.09
CA GLY D 243 -4.39 22.85 54.22
C GLY D 243 -5.50 22.31 53.35
N PHE D 244 -5.20 21.21 52.66
CA PHE D 244 -6.14 20.53 51.76
C PHE D 244 -6.55 19.21 52.39
N PRO D 245 -7.57 19.20 53.25
CA PRO D 245 -7.97 17.95 53.89
C PRO D 245 -8.42 16.90 52.87
N PHE D 246 -8.13 15.64 53.16
CA PHE D 246 -8.53 14.53 52.32
C PHE D 246 -8.62 13.28 53.17
N HIS D 247 -9.38 12.30 52.66
CA HIS D 247 -9.57 11.04 53.34
C HIS D 247 -8.66 9.98 52.72
N PHE D 248 -8.21 9.06 53.56
CA PHE D 248 -7.28 8.01 53.14
C PHE D 248 -7.25 6.94 54.24
N LYS D 249 -6.32 6.00 54.12
CA LYS D 249 -6.12 4.98 55.14
C LYS D 249 -4.84 5.25 55.91
N VAL D 261 5.38 4.69 55.22
CA VAL D 261 4.24 3.84 54.92
C VAL D 261 3.58 4.27 53.62
N ASP D 262 2.94 3.32 52.95
CA ASP D 262 2.25 3.59 51.70
C ASP D 262 0.85 4.09 51.99
N ILE D 263 0.62 5.38 51.77
CA ILE D 263 -0.69 5.99 52.05
C ILE D 263 -1.64 5.65 50.91
N HIS D 264 -2.91 5.46 51.24
CA HIS D 264 -3.95 5.07 50.29
C HIS D 264 -4.98 6.20 50.23
N LEU D 265 -4.77 7.14 49.32
CA LEU D 265 -5.64 8.30 49.23
C LEU D 265 -6.85 7.99 48.36
N LEU D 266 -8.03 8.30 48.88
CA LEU D 266 -9.27 8.19 48.12
C LEU D 266 -9.99 9.52 48.19
N ASP D 267 -10.85 9.77 47.19
CA ASP D 267 -11.50 11.08 47.11
C ASP D 267 -12.88 10.97 46.47
N ILE D 268 -13.87 11.52 47.15
CA ILE D 268 -15.16 11.83 46.56
C ILE D 268 -15.16 13.32 46.21
N PRO D 269 -15.12 13.69 44.93
CA PRO D 269 -15.16 15.12 44.58
C PRO D 269 -16.55 15.69 44.81
N SER D 270 -16.68 16.53 45.84
CA SER D 270 -17.98 17.16 46.12
C SER D 270 -18.45 18.01 44.95
N THR D 271 -17.53 18.43 44.08
CA THR D 271 -17.91 19.32 42.98
C THR D 271 -19.00 18.70 42.11
N LEU D 272 -19.08 17.36 42.07
CA LEU D 272 -20.10 16.72 41.26
C LEU D 272 -21.48 17.26 41.58
N SER D 273 -21.73 17.60 42.86
CA SER D 273 -23.04 18.14 43.23
C SER D 273 -23.42 19.30 42.31
N THR D 274 -22.51 20.25 42.12
CA THR D 274 -22.77 21.43 41.30
C THR D 274 -23.47 21.04 40.00
N ILE D 275 -23.04 19.91 39.41
CA ILE D 275 -23.60 19.49 38.13
C ILE D 275 -25.13 19.54 38.19
N VAL D 276 -25.72 18.76 39.10
CA VAL D 276 -27.17 18.70 39.14
C VAL D 276 -27.75 20.08 39.37
N GLU D 277 -27.11 20.87 40.24
CA GLU D 277 -27.58 22.23 40.49
C GLU D 277 -27.72 22.99 39.17
N SER D 278 -26.68 22.95 38.34
CA SER D 278 -26.77 23.60 37.04
C SER D 278 -27.92 23.02 36.23
N LEU D 279 -28.00 21.69 36.16
CA LEU D 279 -29.10 21.06 35.44
C LEU D 279 -30.44 21.37 36.10
N LYS D 280 -30.45 21.67 37.39
CA LYS D 280 -31.67 22.09 38.05
C LYS D 280 -32.05 23.51 37.66
N LEU D 281 -31.06 24.36 37.39
CA LEU D 281 -31.35 25.71 36.91
C LEU D 281 -31.51 25.73 35.39
N TYR D 282 -30.95 24.73 34.71
CA TYR D 282 -31.01 24.67 33.26
C TYR D 282 -32.36 24.18 32.79
N ASP D 293 -35.20 12.04 30.29
CA ASP D 293 -33.85 12.21 29.76
C ASP D 293 -32.91 12.81 30.81
N MET D 294 -33.50 13.39 31.87
CA MET D 294 -32.71 14.01 32.91
C MET D 294 -31.59 13.09 33.40
N ASP D 295 -31.97 11.93 33.96
CA ASP D 295 -30.98 11.01 34.49
C ASP D 295 -29.92 10.68 33.45
N TYR D 296 -30.32 10.59 32.18
CA TYR D 296 -29.33 10.41 31.13
C TYR D 296 -28.39 11.62 31.06
N LEU D 297 -28.91 12.82 31.33
CA LEU D 297 -28.05 14.00 31.31
C LEU D 297 -27.04 13.96 32.45
N GLU D 298 -27.46 13.58 33.66
CA GLU D 298 -26.46 13.42 34.72
C GLU D 298 -25.45 12.34 34.37
N MET D 299 -25.90 11.25 33.75
CA MET D 299 -24.95 10.23 33.31
C MET D 299 -23.94 10.83 32.34
N ARG D 300 -24.42 11.64 31.39
CA ARG D 300 -23.53 12.27 30.42
C ARG D 300 -22.51 13.16 31.12
N GLU D 301 -22.96 13.99 32.07
CA GLU D 301 -22.04 14.89 32.75
C GLU D 301 -21.02 14.10 33.56
N LEU D 302 -21.47 13.04 34.24
CA LEU D 302 -20.54 12.23 35.03
C LEU D 302 -19.47 11.61 34.16
N GLU D 303 -19.88 11.01 33.02
CA GLU D 303 -18.89 10.38 32.16
C GLU D 303 -17.96 11.42 31.53
N ASN D 304 -18.48 12.59 31.17
CA ASN D 304 -17.62 13.65 30.63
C ASN D 304 -16.58 14.08 31.64
N PHE D 305 -17.00 14.26 32.90
CA PHE D 305 -16.09 14.54 34.00
C PHE D 305 -15.01 13.47 34.06
N ALA D 306 -15.43 12.21 33.98
CA ALA D 306 -14.45 11.12 34.03
C ALA D 306 -13.42 11.24 32.93
N LYS D 307 -13.86 11.44 31.69
CA LYS D 307 -12.93 11.50 30.57
C LYS D 307 -11.98 12.69 30.67
N VAL D 308 -12.48 13.86 31.06
CA VAL D 308 -11.61 15.03 31.12
C VAL D 308 -10.60 14.88 32.25
N LEU D 309 -11.03 14.35 33.40
CA LEU D 309 -10.07 14.02 34.46
C LEU D 309 -9.00 13.07 33.95
N LYS D 310 -9.41 12.01 33.26
CA LYS D 310 -8.41 11.06 32.77
C LYS D 310 -7.44 11.71 31.80
N TYR D 311 -7.94 12.58 30.91
CA TYR D 311 -7.08 13.24 29.94
C TYR D 311 -6.07 14.14 30.63
N LEU D 312 -6.54 15.03 31.51
CA LEU D 312 -5.62 15.93 32.21
C LEU D 312 -4.65 15.19 33.12
N ILE D 313 -5.05 14.05 33.68
CA ILE D 313 -4.10 13.21 34.41
C ILE D 313 -3.05 12.64 33.48
N GLY D 314 -3.48 12.19 32.30
CA GLY D 314 -2.53 11.63 31.35
C GLY D 314 -1.49 12.63 30.89
N ARG D 315 -1.90 13.89 30.69
CA ARG D 315 -0.94 14.89 30.20
C ARG D 315 0.20 15.09 31.20
N ASN D 316 -0.11 15.60 32.39
CA ASN D 316 0.93 16.05 33.31
C ASN D 316 1.75 14.88 33.83
N ALA D 317 2.98 15.17 34.25
CA ALA D 317 3.86 14.14 34.77
C ALA D 317 3.80 14.09 36.30
N ALA D 318 3.40 15.20 36.93
CA ALA D 318 3.31 15.23 38.39
C ALA D 318 2.29 14.21 38.90
N THR D 319 1.16 14.08 38.22
CA THR D 319 0.10 13.18 38.63
C THR D 319 0.21 11.80 37.99
N LYS D 320 0.51 11.73 36.70
CA LYS D 320 0.55 10.47 35.97
C LYS D 320 1.23 9.38 36.78
N GLY D 321 0.54 8.24 36.90
CA GLY D 321 1.06 7.12 37.65
C GLY D 321 0.63 7.13 39.11
N TYR D 322 0.55 8.33 39.70
CA TYR D 322 0.17 8.50 41.10
C TYR D 322 -1.27 8.95 41.27
N VAL D 323 -2.16 8.59 40.35
CA VAL D 323 -3.56 8.95 40.44
C VAL D 323 -4.38 8.12 39.47
N ASN D 324 -5.62 7.81 39.84
CA ASN D 324 -6.51 7.07 38.97
C ASN D 324 -7.95 7.45 39.28
N VAL D 325 -8.81 7.32 38.26
CA VAL D 325 -10.23 7.63 38.37
C VAL D 325 -11.01 6.33 38.26
N LEU D 326 -11.84 6.05 39.25
CA LEU D 326 -12.62 4.82 39.34
C LEU D 326 -14.09 5.15 39.10
N THR D 327 -14.52 5.04 37.84
CA THR D 327 -15.93 5.15 37.52
C THR D 327 -16.60 3.77 37.65
N ASN D 328 -17.88 3.70 37.32
CA ASN D 328 -18.64 2.46 37.40
C ASN D 328 -18.55 1.86 38.81
N VAL D 329 -18.65 2.73 39.81
CA VAL D 329 -18.55 2.33 41.22
C VAL D 329 -19.90 2.58 41.87
N LYS D 330 -20.46 1.53 42.47
CA LYS D 330 -21.75 1.60 43.17
C LYS D 330 -22.78 2.39 42.38
N LEU E 160 12.12 -6.77 -39.90
CA LEU E 160 13.51 -7.07 -40.16
C LEU E 160 13.68 -8.54 -40.56
N PRO E 161 14.74 -8.85 -41.31
CA PRO E 161 14.89 -10.22 -41.84
C PRO E 161 14.86 -11.30 -40.77
N SER E 162 15.42 -11.03 -39.59
CA SER E 162 15.52 -12.07 -38.58
C SER E 162 14.14 -12.60 -38.18
N THR E 163 13.18 -11.70 -37.99
CA THR E 163 11.84 -12.09 -37.57
C THR E 163 11.19 -13.02 -38.60
N ALA E 164 11.21 -12.61 -39.87
CA ALA E 164 10.59 -13.43 -40.91
C ALA E 164 11.29 -14.77 -41.05
N LEU E 165 12.63 -14.77 -41.02
CA LEU E 165 13.35 -16.02 -41.16
C LEU E 165 13.04 -16.96 -39.99
N ALA E 166 12.99 -16.43 -38.78
CA ALA E 166 12.65 -17.25 -37.63
C ALA E 166 11.24 -17.80 -37.74
N ILE E 167 10.28 -16.95 -38.13
CA ILE E 167 8.91 -17.42 -38.26
C ILE E 167 8.84 -18.57 -39.26
N GLY E 168 9.44 -18.39 -40.44
CA GLY E 168 9.38 -19.43 -41.44
C GLY E 168 10.04 -20.72 -40.99
N TYR E 169 11.28 -20.61 -40.50
CA TYR E 169 12.01 -21.81 -40.08
C TYR E 169 11.24 -22.54 -38.99
N TYR E 170 10.88 -21.82 -37.92
CA TYR E 170 10.13 -22.46 -36.84
C TYR E 170 8.90 -23.13 -37.40
N ASN E 171 7.96 -22.33 -37.91
CA ASN E 171 6.69 -22.91 -38.34
C ASN E 171 6.99 -24.16 -39.15
N SER E 172 7.58 -23.99 -40.33
CA SER E 172 7.69 -25.14 -41.22
C SER E 172 8.43 -26.29 -40.55
N PHE E 173 9.73 -26.13 -40.32
CA PHE E 173 10.53 -27.29 -39.95
C PHE E 173 10.11 -27.82 -38.58
N ILE E 174 10.06 -26.95 -37.57
CA ILE E 174 9.83 -27.41 -36.21
C ILE E 174 8.44 -28.03 -36.10
N LYS E 175 7.40 -27.34 -36.56
CA LYS E 175 6.06 -27.90 -36.40
C LYS E 175 5.94 -29.21 -37.15
N ARG E 176 6.42 -29.27 -38.40
CA ARG E 176 6.27 -30.51 -39.15
C ARG E 176 7.00 -31.66 -38.46
N VAL E 177 8.27 -31.45 -38.08
CA VAL E 177 9.02 -32.55 -37.49
C VAL E 177 8.38 -32.99 -36.18
N CYS E 178 8.03 -32.03 -35.32
CA CYS E 178 7.46 -32.37 -34.01
C CYS E 178 6.15 -33.14 -34.18
N GLU E 179 5.23 -32.60 -34.98
CA GLU E 179 3.93 -33.26 -35.13
C GLU E 179 4.08 -34.62 -35.78
N GLU E 180 4.94 -34.74 -36.80
CA GLU E 180 5.10 -36.01 -37.48
C GLU E 180 5.68 -37.06 -36.55
N ILE E 181 6.70 -36.69 -35.76
CA ILE E 181 7.31 -37.66 -34.87
C ILE E 181 6.35 -38.04 -33.76
N HIS E 182 5.56 -37.08 -33.26
CA HIS E 182 4.58 -37.41 -32.24
C HIS E 182 3.50 -38.33 -32.77
N GLY E 183 3.06 -38.11 -34.02
CA GLY E 183 2.02 -38.95 -34.58
C GLY E 183 2.50 -40.28 -35.12
N SER E 184 3.80 -40.44 -35.31
CA SER E 184 4.37 -41.68 -35.83
C SER E 184 5.47 -42.26 -34.96
N GLU E 185 6.06 -41.46 -34.08
CA GLU E 185 7.13 -41.89 -33.17
C GLU E 185 8.08 -42.89 -33.84
N CYS E 186 8.52 -42.51 -35.04
CA CYS E 186 9.50 -43.29 -35.76
C CYS E 186 10.25 -42.36 -36.71
N VAL E 187 11.44 -42.80 -37.13
CA VAL E 187 12.31 -42.04 -38.01
C VAL E 187 12.93 -42.99 -39.03
N GLU E 188 13.74 -42.44 -39.92
CA GLU E 188 14.40 -43.23 -40.95
C GLU E 188 15.90 -42.95 -40.95
N LYS E 193 14.47 -48.64 -41.34
CA LYS E 193 13.37 -48.21 -40.49
C LYS E 193 13.74 -48.35 -39.02
N ILE E 194 13.48 -47.30 -38.24
CA ILE E 194 13.83 -47.25 -36.84
C ILE E 194 12.60 -46.81 -36.06
N LYS E 195 12.56 -47.20 -34.78
CA LYS E 195 11.47 -46.85 -33.89
C LYS E 195 11.98 -45.91 -32.80
N VAL E 196 11.16 -44.94 -32.43
CA VAL E 196 11.52 -43.91 -31.46
C VAL E 196 10.45 -43.86 -30.39
N LYS E 197 10.88 -43.59 -29.15
CA LYS E 197 9.96 -43.49 -28.01
C LYS E 197 9.90 -42.08 -27.45
N SER E 198 11.04 -41.51 -27.06
CA SER E 198 11.07 -40.14 -26.56
C SER E 198 11.34 -39.17 -27.70
N PHE E 199 11.54 -37.91 -27.35
CA PHE E 199 11.71 -36.88 -28.37
C PHE E 199 12.18 -35.58 -27.72
N ARG E 200 13.16 -34.94 -28.34
CA ARG E 200 13.56 -33.58 -28.00
C ARG E 200 14.58 -33.11 -29.03
N VAL E 201 14.54 -31.81 -29.34
CA VAL E 201 15.42 -31.22 -30.33
C VAL E 201 16.11 -30.00 -29.71
N ASP E 202 17.43 -29.91 -29.92
CA ASP E 202 18.23 -28.76 -29.51
C ASP E 202 18.76 -28.11 -30.78
N VAL E 203 18.12 -27.03 -31.22
CA VAL E 203 18.53 -26.33 -32.43
C VAL E 203 19.74 -25.48 -32.10
N VAL E 204 20.84 -25.69 -32.82
CA VAL E 204 22.11 -25.01 -32.56
C VAL E 204 22.15 -23.71 -33.34
N ILE E 205 22.72 -22.68 -32.73
CA ILE E 205 22.78 -21.34 -33.31
C ILE E 205 24.20 -20.82 -33.16
N PRO E 206 24.91 -20.52 -34.25
CA PRO E 206 26.27 -20.00 -34.12
C PRO E 206 26.29 -18.64 -33.44
N GLU E 207 27.40 -18.36 -32.74
CA GLU E 207 27.56 -17.05 -32.13
C GLU E 207 27.81 -15.97 -33.17
N THR E 208 28.43 -16.35 -34.30
CA THR E 208 28.71 -15.40 -35.37
C THR E 208 28.67 -16.14 -36.69
N LEU E 209 28.51 -15.39 -37.77
CA LEU E 209 28.33 -15.94 -39.10
C LEU E 209 29.59 -15.75 -39.94
N ASP E 210 29.73 -16.60 -40.95
CA ASP E 210 30.82 -16.48 -41.90
C ASP E 210 30.41 -15.55 -43.04
N ASP E 211 31.32 -15.36 -44.00
CA ASP E 211 31.05 -14.43 -45.09
C ASP E 211 30.10 -15.04 -46.12
N ASN E 212 30.08 -16.37 -46.25
CA ASN E 212 29.36 -17.05 -47.32
C ASN E 212 28.53 -18.21 -46.77
N GLY E 213 27.77 -17.94 -45.72
CA GLY E 213 26.84 -18.91 -45.18
C GLY E 213 27.37 -19.58 -43.92
N VAL E 214 26.77 -20.73 -43.61
CA VAL E 214 27.13 -21.52 -42.44
C VAL E 214 27.31 -22.99 -42.79
N GLY E 215 27.44 -23.32 -44.08
CA GLY E 215 27.59 -24.72 -44.46
C GLY E 215 28.82 -25.36 -43.86
N ASN E 216 29.95 -24.66 -43.91
CA ASN E 216 31.17 -25.19 -43.29
C ASN E 216 30.95 -25.43 -41.80
N PHE E 217 30.17 -24.56 -41.15
CA PHE E 217 29.84 -24.76 -39.74
C PHE E 217 29.14 -26.09 -39.53
N THR E 218 28.15 -26.38 -40.37
CA THR E 218 27.41 -27.64 -40.25
C THR E 218 28.29 -28.83 -40.53
N THR E 219 29.18 -28.73 -41.53
CA THR E 219 30.09 -29.84 -41.81
C THR E 219 31.04 -30.07 -40.64
N LEU E 220 31.52 -29.00 -40.02
CA LEU E 220 32.39 -29.15 -38.85
C LEU E 220 31.65 -29.84 -37.71
N TYR E 221 30.39 -29.46 -37.47
CA TYR E 221 29.60 -30.16 -36.46
C TYR E 221 29.41 -31.63 -36.83
N ASN E 222 29.17 -31.91 -38.12
CA ASN E 222 28.98 -33.28 -38.55
C ASN E 222 30.22 -34.12 -38.25
N LYS E 223 31.40 -33.58 -38.56
CA LYS E 223 32.64 -34.29 -38.28
C LYS E 223 33.02 -34.30 -36.81
N ARG E 224 32.49 -33.37 -36.01
CA ARG E 224 32.82 -33.29 -34.59
C ARG E 224 31.96 -34.19 -33.72
N TYR E 225 30.64 -34.04 -33.80
CA TYR E 225 29.74 -34.78 -32.91
C TYR E 225 29.25 -36.08 -33.53
N GLY E 226 29.45 -36.27 -34.83
CA GLY E 226 29.06 -37.51 -35.47
C GLY E 226 27.56 -37.64 -35.67
N LEU E 227 26.90 -36.52 -35.98
CA LEU E 227 25.47 -36.55 -36.23
C LEU E 227 25.16 -37.45 -37.43
N SER E 228 24.01 -38.11 -37.37
CA SER E 228 23.60 -39.05 -38.40
C SER E 228 22.34 -38.55 -39.10
N LYS E 229 22.25 -38.84 -40.41
CA LYS E 229 21.12 -38.43 -41.22
C LYS E 229 19.89 -39.25 -40.87
N ALA E 230 18.72 -38.63 -40.92
CA ALA E 230 17.48 -39.37 -40.76
C ALA E 230 16.30 -38.52 -41.20
N THR E 231 15.46 -39.08 -42.07
CA THR E 231 14.23 -38.43 -42.51
C THR E 231 13.07 -38.90 -41.64
N THR E 232 11.85 -38.57 -42.04
CA THR E 232 10.65 -39.05 -41.37
C THR E 232 9.95 -40.08 -42.24
N CYS E 233 9.24 -41.00 -41.59
CA CYS E 233 8.54 -42.09 -42.27
C CYS E 233 7.23 -41.53 -42.82
N THR E 234 7.22 -41.28 -44.12
CA THR E 234 6.03 -40.76 -44.79
C THR E 234 5.56 -41.71 -45.88
N GLY E 243 10.98 -36.42 -47.08
CA GLY E 243 10.61 -36.21 -45.69
C GLY E 243 11.28 -35.00 -45.08
N PHE E 244 12.24 -35.24 -44.18
CA PHE E 244 12.97 -34.17 -43.51
C PHE E 244 14.33 -34.71 -43.10
N PRO E 245 15.32 -34.63 -44.00
CA PRO E 245 16.64 -35.20 -43.67
C PRO E 245 17.33 -34.43 -42.55
N PHE E 246 16.88 -34.66 -41.32
CA PHE E 246 17.41 -33.97 -40.15
C PHE E 246 18.60 -34.74 -39.58
N HIS E 247 19.26 -34.09 -38.63
CA HIS E 247 20.41 -34.69 -37.96
C HIS E 247 20.00 -35.21 -36.59
N PHE E 248 20.35 -36.45 -36.28
CA PHE E 248 20.01 -37.06 -35.01
C PHE E 248 21.26 -37.64 -34.37
N LYS E 249 21.22 -37.75 -33.05
CA LYS E 249 22.34 -38.26 -32.27
C LYS E 249 21.91 -39.48 -31.43
N PRO E 260 11.78 -47.64 -28.59
CA PRO E 260 12.59 -48.18 -27.48
C PRO E 260 13.90 -47.42 -27.28
N VAL E 261 14.02 -46.25 -27.91
CA VAL E 261 15.24 -45.46 -27.86
C VAL E 261 14.89 -44.02 -27.51
N ASP E 262 15.63 -43.45 -26.56
CA ASP E 262 15.52 -42.03 -26.23
C ASP E 262 16.42 -41.24 -27.17
N ILE E 263 15.80 -40.44 -28.05
CA ILE E 263 16.52 -39.74 -29.10
C ILE E 263 16.72 -38.29 -28.68
N HIS E 264 17.90 -37.76 -29.00
CA HIS E 264 18.25 -36.37 -28.69
C HIS E 264 18.63 -35.71 -30.01
N LEU E 265 17.63 -35.16 -30.70
CA LEU E 265 17.83 -34.55 -32.00
C LEU E 265 18.47 -33.17 -31.85
N LEU E 266 19.18 -32.77 -32.90
CA LEU E 266 19.72 -31.41 -32.99
C LEU E 266 20.13 -31.16 -34.43
N ASP E 267 20.19 -29.88 -34.79
CA ASP E 267 20.60 -29.50 -36.15
C ASP E 267 20.80 -27.99 -36.16
N ILE E 268 21.41 -27.50 -37.24
CA ILE E 268 21.67 -26.08 -37.44
C ILE E 268 20.70 -25.56 -38.48
N PRO E 269 20.00 -24.45 -38.24
CA PRO E 269 19.08 -23.92 -39.27
C PRO E 269 19.87 -23.31 -40.42
N SER E 270 19.82 -23.97 -41.58
CA SER E 270 20.52 -23.46 -42.74
C SER E 270 20.08 -22.05 -43.10
N THR E 271 18.86 -21.67 -42.72
CA THR E 271 18.33 -20.36 -43.06
C THR E 271 19.23 -19.24 -42.55
N LEU E 272 20.02 -19.48 -41.51
CA LEU E 272 20.93 -18.45 -41.03
C LEU E 272 21.78 -17.90 -42.17
N SER E 273 22.24 -18.77 -43.06
CA SER E 273 23.06 -18.31 -44.17
C SER E 273 22.40 -17.13 -44.87
N THR E 274 21.10 -17.26 -45.15
CA THR E 274 20.34 -16.19 -45.77
C THR E 274 20.74 -14.82 -45.24
N ILE E 275 20.71 -14.65 -43.92
CA ILE E 275 20.81 -13.31 -43.38
C ILE E 275 22.11 -12.64 -43.82
N VAL E 276 23.21 -13.42 -43.89
CA VAL E 276 24.45 -12.86 -44.38
C VAL E 276 24.21 -12.13 -45.69
N GLU E 277 23.72 -12.87 -46.70
CA GLU E 277 23.37 -12.24 -47.96
C GLU E 277 22.44 -11.06 -47.74
N SER E 278 21.38 -11.26 -46.93
CA SER E 278 20.44 -10.17 -46.69
C SER E 278 21.17 -8.92 -46.23
N LEU E 279 22.14 -9.09 -45.32
CA LEU E 279 22.89 -7.93 -44.84
C LEU E 279 23.49 -7.16 -46.01
N LYS E 280 24.21 -7.87 -46.89
CA LYS E 280 24.86 -7.22 -48.01
C LYS E 280 23.88 -6.52 -48.95
N LEU E 281 22.60 -6.90 -48.91
CA LEU E 281 21.60 -6.28 -49.76
C LEU E 281 20.81 -5.17 -49.07
N TYR E 282 21.00 -4.96 -47.77
CA TYR E 282 20.31 -3.85 -47.12
C TYR E 282 21.11 -2.56 -47.21
N LEU E 283 22.44 -2.67 -47.24
CA LEU E 283 23.30 -1.49 -47.35
C LEU E 283 23.65 -1.23 -48.80
N ASP E 293 30.28 -2.65 -38.23
CA ASP E 293 28.89 -2.86 -37.89
C ASP E 293 28.43 -4.26 -38.26
N MET E 294 29.13 -4.88 -39.21
CA MET E 294 28.73 -6.19 -39.72
C MET E 294 28.62 -7.20 -38.59
N ASP E 295 29.64 -7.31 -37.75
CA ASP E 295 29.60 -8.27 -36.65
C ASP E 295 28.51 -7.93 -35.65
N TYR E 296 28.40 -6.64 -35.30
CA TYR E 296 27.39 -6.23 -34.33
C TYR E 296 25.98 -6.48 -34.86
N LEU E 297 25.74 -6.13 -36.12
CA LEU E 297 24.43 -6.37 -36.72
C LEU E 297 24.11 -7.86 -36.76
N GLU E 298 25.10 -8.67 -37.17
CA GLU E 298 24.88 -10.11 -37.23
C GLU E 298 24.57 -10.67 -35.84
N MET E 299 25.29 -10.21 -34.83
CA MET E 299 25.07 -10.71 -33.48
C MET E 299 23.68 -10.34 -32.99
N ARG E 300 23.26 -9.09 -33.20
CA ARG E 300 21.92 -8.70 -32.78
C ARG E 300 20.86 -9.50 -33.52
N GLU E 301 21.06 -9.75 -34.81
CA GLU E 301 20.08 -10.49 -35.58
C GLU E 301 20.00 -11.94 -35.10
N LEU E 302 21.14 -12.54 -34.77
CA LEU E 302 21.12 -13.89 -34.20
C LEU E 302 20.36 -13.91 -32.88
N GLU E 303 20.58 -12.90 -32.03
CA GLU E 303 19.86 -12.83 -30.77
C GLU E 303 18.37 -12.72 -31.01
N ASN E 304 17.96 -11.88 -31.97
CA ASN E 304 16.55 -11.74 -32.29
C ASN E 304 15.97 -13.04 -32.84
N PHE E 305 16.73 -13.75 -33.66
CA PHE E 305 16.29 -15.04 -34.18
C PHE E 305 16.01 -16.01 -33.03
N ALA E 306 16.95 -16.12 -32.10
CA ALA E 306 16.73 -17.00 -30.95
C ALA E 306 15.53 -16.55 -30.14
N LYS E 307 15.37 -15.24 -29.96
CA LYS E 307 14.25 -14.70 -29.21
C LYS E 307 12.92 -15.13 -29.85
N VAL E 308 12.83 -15.01 -31.17
CA VAL E 308 11.59 -15.35 -31.86
C VAL E 308 11.35 -16.86 -31.80
N LEU E 309 12.41 -17.66 -31.92
CA LEU E 309 12.24 -19.09 -31.75
C LEU E 309 11.65 -19.42 -30.39
N LYS E 310 12.20 -18.83 -29.33
CA LYS E 310 11.64 -19.08 -28.00
C LYS E 310 10.20 -18.60 -27.90
N TYR E 311 9.92 -17.43 -28.46
CA TYR E 311 8.57 -16.86 -28.38
C TYR E 311 7.56 -17.80 -29.02
N LEU E 312 7.85 -18.31 -30.22
CA LEU E 312 6.96 -19.25 -30.85
C LEU E 312 6.97 -20.62 -30.19
N ILE E 313 8.04 -20.97 -29.46
CA ILE E 313 8.01 -22.18 -28.65
C ILE E 313 6.97 -22.06 -27.57
N GLY E 314 6.91 -20.90 -26.91
CA GLY E 314 5.85 -20.69 -25.93
C GLY E 314 4.45 -20.78 -26.51
N ARG E 315 4.30 -20.50 -27.80
CA ARG E 315 2.99 -20.48 -28.43
C ARG E 315 2.30 -21.85 -28.42
N ASN E 316 2.90 -22.83 -29.10
CA ASN E 316 2.25 -24.10 -29.38
C ASN E 316 2.53 -25.09 -28.26
N ALA E 317 1.59 -26.02 -28.09
CA ALA E 317 1.75 -27.08 -27.09
C ALA E 317 2.67 -28.19 -27.60
N ALA E 318 2.67 -28.46 -28.90
CA ALA E 318 3.52 -29.50 -29.45
C ALA E 318 4.99 -29.23 -29.15
N THR E 319 5.37 -27.96 -29.03
CA THR E 319 6.73 -27.57 -28.66
C THR E 319 6.63 -26.76 -27.37
N LYS E 320 6.58 -27.48 -26.24
CA LYS E 320 6.43 -26.87 -24.93
C LYS E 320 7.40 -27.52 -23.95
N GLY E 321 8.64 -27.70 -24.38
CA GLY E 321 9.64 -28.39 -23.58
C GLY E 321 10.37 -29.44 -24.39
N TYR E 322 9.78 -29.85 -25.51
CA TYR E 322 10.41 -30.80 -26.42
C TYR E 322 11.34 -30.13 -27.40
N VAL E 323 11.50 -28.81 -27.33
CA VAL E 323 12.35 -28.07 -28.25
C VAL E 323 13.07 -26.99 -27.46
N ASN E 324 14.33 -26.75 -27.80
CA ASN E 324 15.07 -25.66 -27.18
C ASN E 324 16.16 -25.20 -28.13
N VAL E 325 16.64 -23.97 -27.89
CA VAL E 325 17.61 -23.32 -28.75
C VAL E 325 18.89 -23.08 -27.95
N LEU E 326 20.03 -23.41 -28.57
CA LEU E 326 21.34 -23.25 -27.96
C LEU E 326 22.03 -22.07 -28.65
N THR E 327 21.87 -20.88 -28.10
CA THR E 327 22.50 -19.70 -28.66
C THR E 327 23.95 -19.59 -28.21
N ASN E 328 24.77 -18.96 -29.05
CA ASN E 328 26.17 -18.70 -28.75
C ASN E 328 26.92 -20.01 -28.46
N VAL E 329 26.94 -20.87 -29.49
CA VAL E 329 27.58 -22.17 -29.41
C VAL E 329 28.76 -22.18 -30.37
N LYS E 330 29.89 -22.70 -29.90
CA LYS E 330 31.11 -22.75 -30.69
C LYS E 330 31.62 -21.34 -30.97
N PRO F 161 10.79 -7.71 -44.01
CA PRO F 161 9.47 -8.18 -44.46
C PRO F 161 9.58 -9.42 -45.35
N SER F 162 8.63 -9.57 -46.28
CA SER F 162 8.68 -10.71 -47.20
C SER F 162 9.87 -10.61 -48.14
N THR F 163 10.44 -9.41 -48.29
CA THR F 163 11.54 -9.23 -49.23
C THR F 163 12.75 -10.07 -48.83
N ALA F 164 13.11 -10.05 -47.55
CA ALA F 164 14.26 -10.82 -47.10
C ALA F 164 14.01 -12.31 -47.28
N LEU F 165 12.79 -12.76 -46.97
CA LEU F 165 12.44 -14.16 -47.16
C LEU F 165 12.60 -14.56 -48.63
N ALA F 166 12.12 -13.71 -49.55
CA ALA F 166 12.24 -13.99 -50.97
C ALA F 166 13.70 -14.07 -51.40
N ILE F 167 14.50 -13.10 -50.95
CA ILE F 167 15.92 -13.05 -51.31
C ILE F 167 16.58 -14.34 -50.85
N GLY F 168 16.36 -14.72 -49.59
CA GLY F 168 16.96 -15.93 -49.07
C GLY F 168 16.56 -17.15 -49.86
N TYR F 169 15.25 -17.37 -49.98
CA TYR F 169 14.76 -18.51 -50.75
C TYR F 169 15.43 -18.59 -52.10
N TYR F 170 15.22 -17.55 -52.93
CA TYR F 170 15.71 -17.64 -54.30
C TYR F 170 17.21 -17.83 -54.33
N ASN F 171 17.96 -16.94 -53.68
CA ASN F 171 19.40 -17.04 -53.75
C ASN F 171 19.82 -18.46 -53.37
N SER F 172 19.61 -18.85 -52.12
CA SER F 172 20.06 -20.15 -51.67
C SER F 172 19.61 -21.25 -52.62
N PHE F 173 18.30 -21.48 -52.73
CA PHE F 173 17.79 -22.67 -53.41
C PHE F 173 18.16 -22.68 -54.88
N ILE F 174 17.84 -21.59 -55.60
CA ILE F 174 18.02 -21.59 -57.05
C ILE F 174 19.50 -21.60 -57.40
N LYS F 175 20.31 -20.79 -56.70
CA LYS F 175 21.75 -20.83 -56.94
C LYS F 175 22.27 -22.25 -56.76
N ARG F 176 21.92 -22.90 -55.65
CA ARG F 176 22.45 -24.24 -55.39
C ARG F 176 22.03 -25.21 -56.49
N VAL F 177 20.73 -25.26 -56.81
CA VAL F 177 20.25 -26.25 -57.77
C VAL F 177 20.84 -25.99 -59.15
N CYS F 178 20.85 -24.72 -59.58
CA CYS F 178 21.38 -24.40 -60.89
C CYS F 178 22.86 -24.74 -60.98
N GLU F 179 23.64 -24.37 -59.96
CA GLU F 179 25.06 -24.68 -59.98
C GLU F 179 25.29 -26.18 -60.04
N GLU F 180 24.57 -26.94 -59.21
CA GLU F 180 24.79 -28.38 -59.15
C GLU F 180 24.39 -29.05 -60.46
N ILE F 181 23.26 -28.64 -61.04
CA ILE F 181 22.81 -29.26 -62.28
C ILE F 181 23.74 -28.91 -63.44
N HIS F 182 24.20 -27.65 -63.51
CA HIS F 182 25.18 -27.29 -64.53
C HIS F 182 26.53 -27.98 -64.33
N GLY F 183 26.86 -28.35 -63.09
CA GLY F 183 28.11 -29.03 -62.84
C GLY F 183 28.02 -30.53 -63.01
N SER F 184 26.81 -31.08 -63.00
CA SER F 184 26.60 -32.52 -63.07
C SER F 184 25.79 -32.96 -64.28
N GLU F 185 24.74 -32.23 -64.65
CA GLU F 185 23.83 -32.65 -65.70
C GLU F 185 23.30 -34.07 -65.42
N CYS F 186 22.98 -34.34 -64.16
CA CYS F 186 22.47 -35.64 -63.75
C CYS F 186 21.51 -35.43 -62.60
N VAL F 187 20.24 -35.78 -62.82
CA VAL F 187 19.20 -35.60 -61.81
C VAL F 187 18.48 -36.93 -61.63
N GLU F 188 18.10 -37.22 -60.39
CA GLU F 188 17.41 -38.47 -60.09
C GLU F 188 16.06 -38.51 -60.80
N LEU F 189 15.38 -39.64 -60.65
CA LEU F 189 14.07 -39.84 -61.29
C LEU F 189 13.31 -40.97 -60.61
N LYS F 192 17.25 -41.78 -61.21
CA LYS F 192 18.31 -42.76 -61.02
C LYS F 192 19.47 -42.52 -61.98
N LYS F 193 19.14 -42.39 -63.26
CA LYS F 193 20.16 -42.18 -64.29
C LYS F 193 19.49 -41.41 -65.44
N ILE F 194 19.96 -40.18 -65.68
CA ILE F 194 19.43 -39.37 -66.76
C ILE F 194 20.44 -38.27 -67.06
N LYS F 195 20.37 -37.71 -68.26
CA LYS F 195 21.20 -36.60 -68.66
C LYS F 195 20.40 -35.31 -68.59
N VAL F 196 21.03 -34.18 -68.88
CA VAL F 196 20.37 -32.89 -68.93
C VAL F 196 20.97 -32.08 -70.06
N LYS F 197 20.12 -31.56 -70.95
CA LYS F 197 20.56 -30.82 -72.12
C LYS F 197 20.09 -29.38 -72.10
N SER F 198 18.80 -29.14 -71.89
CA SER F 198 18.27 -27.78 -71.83
C SER F 198 17.14 -27.76 -70.82
N PHE F 199 17.08 -26.71 -70.01
CA PHE F 199 16.07 -26.61 -68.97
C PHE F 199 15.91 -25.16 -68.54
N ARG F 200 14.84 -24.90 -67.80
CA ARG F 200 14.64 -23.63 -67.13
C ARG F 200 13.62 -23.83 -66.03
N VAL F 201 14.00 -23.49 -64.81
CA VAL F 201 13.15 -23.69 -63.64
C VAL F 201 12.05 -22.64 -63.66
N ASP F 202 10.81 -23.08 -63.44
CA ASP F 202 9.66 -22.19 -63.41
C ASP F 202 9.14 -22.12 -61.97
N VAL F 203 9.21 -20.92 -61.39
CA VAL F 203 8.67 -20.67 -60.06
C VAL F 203 7.23 -20.21 -60.23
N VAL F 204 6.29 -20.97 -59.68
CA VAL F 204 4.87 -20.67 -59.82
C VAL F 204 4.40 -19.99 -58.54
N ILE F 205 3.79 -18.82 -58.68
CA ILE F 205 3.36 -18.00 -57.54
C ILE F 205 1.84 -17.86 -57.55
N PRO F 206 1.12 -18.52 -56.64
CA PRO F 206 -0.34 -18.33 -56.60
C PRO F 206 -0.70 -16.87 -56.41
N GLU F 207 -1.77 -16.44 -57.09
CA GLU F 207 -2.24 -15.06 -56.94
C GLU F 207 -2.81 -14.82 -55.55
N THR F 208 -3.57 -15.79 -55.03
CA THR F 208 -4.16 -15.69 -53.71
C THR F 208 -3.66 -16.85 -52.85
N LEU F 209 -3.37 -16.55 -51.60
CA LEU F 209 -2.83 -17.52 -50.65
C LEU F 209 -3.94 -18.06 -49.75
N ASP F 210 -3.73 -19.27 -49.26
CA ASP F 210 -4.69 -19.96 -48.43
C ASP F 210 -4.44 -19.66 -46.96
N ASP F 211 -5.51 -19.77 -46.16
CA ASP F 211 -5.39 -19.49 -44.74
C ASP F 211 -4.41 -20.45 -44.08
N ASN F 212 -4.48 -21.73 -44.41
CA ASN F 212 -3.65 -22.73 -43.75
C ASN F 212 -2.23 -22.79 -44.32
N GLY F 213 -1.97 -22.10 -45.43
CA GLY F 213 -0.65 -22.11 -46.02
C GLY F 213 -0.67 -22.16 -47.53
N VAL F 214 0.16 -23.03 -48.12
CA VAL F 214 0.21 -23.21 -49.56
C VAL F 214 0.23 -24.68 -49.97
N GLY F 215 0.10 -25.61 -49.02
CA GLY F 215 0.14 -27.02 -49.37
C GLY F 215 -1.03 -27.44 -50.24
N ASN F 216 -2.22 -26.90 -49.97
CA ASN F 216 -3.40 -27.23 -50.75
C ASN F 216 -3.16 -26.91 -52.22
N PHE F 217 -2.79 -25.66 -52.51
CA PHE F 217 -2.48 -25.29 -53.88
C PHE F 217 -1.34 -26.11 -54.44
N THR F 218 -0.35 -26.45 -53.59
CA THR F 218 0.77 -27.25 -54.06
C THR F 218 0.29 -28.58 -54.62
N THR F 219 -0.52 -29.31 -53.84
CA THR F 219 -1.02 -30.60 -54.30
C THR F 219 -1.95 -30.43 -55.51
N LEU F 220 -2.81 -29.42 -55.48
CA LEU F 220 -3.73 -29.20 -56.60
C LEU F 220 -2.95 -29.00 -57.90
N TYR F 221 -1.95 -28.14 -57.87
CA TYR F 221 -1.15 -27.88 -59.06
C TYR F 221 -0.32 -29.09 -59.45
N ASN F 222 0.19 -29.83 -58.46
CA ASN F 222 1.02 -30.99 -58.77
C ASN F 222 0.23 -32.08 -59.47
N LYS F 223 -1.05 -32.23 -59.14
CA LYS F 223 -1.85 -33.28 -59.77
C LYS F 223 -2.60 -32.82 -61.00
N ARG F 224 -3.06 -31.57 -61.05
CA ARG F 224 -3.83 -31.12 -62.22
C ARG F 224 -2.96 -31.08 -63.47
N TYR F 225 -1.74 -30.55 -63.38
CA TYR F 225 -0.82 -30.57 -64.50
C TYR F 225 -0.07 -31.88 -64.63
N GLY F 226 0.07 -32.63 -63.55
CA GLY F 226 0.88 -33.84 -63.57
C GLY F 226 2.34 -33.49 -63.49
N LEU F 227 3.08 -34.18 -62.62
CA LEU F 227 4.48 -33.84 -62.39
C LEU F 227 5.19 -35.05 -61.81
N SER F 228 6.52 -35.05 -61.93
CA SER F 228 7.37 -36.08 -61.37
C SER F 228 8.33 -35.44 -60.39
N LYS F 229 8.50 -36.08 -59.23
CA LYS F 229 9.35 -35.56 -58.17
C LYS F 229 10.62 -36.39 -58.09
N ALA F 230 11.76 -35.70 -58.10
CA ALA F 230 13.06 -36.36 -57.97
C ALA F 230 14.10 -35.29 -57.63
N THR F 231 15.20 -35.74 -57.05
CA THR F 231 16.25 -34.86 -56.56
C THR F 231 17.44 -34.87 -57.52
N THR F 232 18.42 -34.02 -57.24
CA THR F 232 19.63 -33.93 -58.02
C THR F 232 20.65 -34.94 -57.49
N CYS F 233 21.88 -34.86 -57.97
CA CYS F 233 22.94 -35.76 -57.54
C CYS F 233 23.32 -35.48 -56.08
N GLY F 243 19.89 -34.61 -50.42
CA GLY F 243 19.73 -34.07 -51.77
C GLY F 243 18.73 -32.93 -51.84
N PHE F 244 18.40 -32.52 -53.06
CA PHE F 244 17.44 -31.45 -53.29
C PHE F 244 16.29 -31.97 -54.14
N PRO F 245 15.23 -32.51 -53.53
CA PRO F 245 14.08 -32.94 -54.34
C PRO F 245 13.40 -31.76 -55.01
N PHE F 246 12.83 -32.02 -56.19
CA PHE F 246 12.17 -30.97 -56.95
C PHE F 246 11.18 -31.62 -57.91
N HIS F 247 10.28 -30.80 -58.44
CA HIS F 247 9.22 -31.24 -59.35
C HIS F 247 9.61 -30.86 -60.77
N PHE F 248 9.18 -31.67 -61.73
CA PHE F 248 9.53 -31.46 -63.13
C PHE F 248 8.55 -32.26 -63.99
N LYS F 249 8.79 -32.27 -65.30
CA LYS F 249 8.02 -33.10 -66.22
C LYS F 249 8.91 -34.13 -66.88
N PRO F 260 17.76 -39.54 -72.51
CA PRO F 260 18.02 -38.55 -73.57
C PRO F 260 16.83 -37.61 -73.78
N VAL F 261 16.72 -36.60 -72.92
CA VAL F 261 15.60 -35.66 -72.98
C VAL F 261 16.03 -34.36 -72.32
N ASP F 262 15.39 -33.26 -72.71
CA ASP F 262 15.64 -31.96 -72.11
C ASP F 262 14.71 -31.81 -70.91
N ILE F 263 15.29 -31.78 -69.72
CA ILE F 263 14.49 -31.71 -68.50
C ILE F 263 13.86 -30.34 -68.37
N HIS F 264 12.67 -30.31 -67.77
CA HIS F 264 11.94 -29.06 -67.52
C HIS F 264 11.55 -29.04 -66.05
N LEU F 265 12.16 -28.13 -65.29
CA LEU F 265 11.94 -28.06 -63.86
C LEU F 265 10.79 -27.09 -63.55
N LEU F 266 10.04 -27.42 -62.50
CA LEU F 266 8.92 -26.61 -62.04
C LEU F 266 8.84 -26.70 -60.53
N ASP F 267 8.43 -25.60 -59.89
CA ASP F 267 8.33 -25.63 -58.43
C ASP F 267 7.40 -24.54 -57.94
N ILE F 268 6.64 -24.86 -56.91
CA ILE F 268 5.86 -23.89 -56.14
C ILE F 268 6.59 -23.67 -54.82
N PRO F 269 7.10 -22.47 -54.54
CA PRO F 269 7.88 -22.28 -53.30
C PRO F 269 7.00 -22.44 -52.07
N SER F 270 7.32 -23.44 -51.24
CA SER F 270 6.64 -23.58 -49.96
C SER F 270 6.83 -22.35 -49.08
N THR F 271 7.92 -21.61 -49.31
CA THR F 271 8.22 -20.44 -48.48
C THR F 271 7.05 -19.47 -48.46
N LEU F 272 6.26 -19.41 -49.52
CA LEU F 272 5.13 -18.49 -49.56
C LEU F 272 4.27 -18.64 -48.32
N SER F 273 4.07 -19.89 -47.87
CA SER F 273 3.23 -20.13 -46.70
C SER F 273 3.67 -19.24 -45.54
N THR F 274 4.96 -19.21 -45.26
CA THR F 274 5.49 -18.40 -44.17
C THR F 274 4.81 -17.04 -44.13
N ILE F 275 4.76 -16.38 -45.28
CA ILE F 275 4.24 -15.01 -45.35
C ILE F 275 3.02 -14.88 -44.45
N VAL F 276 2.04 -15.75 -44.66
CA VAL F 276 0.73 -15.51 -44.06
C VAL F 276 0.87 -15.32 -42.55
N GLU F 277 1.52 -16.27 -41.86
CA GLU F 277 1.54 -16.17 -40.40
C GLU F 277 2.34 -14.96 -39.97
N SER F 278 3.44 -14.67 -40.67
CA SER F 278 4.14 -13.42 -40.38
C SER F 278 3.19 -12.24 -40.53
N LEU F 279 2.51 -12.14 -41.68
CA LEU F 279 1.55 -11.07 -41.88
C LEU F 279 0.37 -11.18 -40.92
N LYS F 280 0.18 -12.34 -40.29
CA LYS F 280 -0.83 -12.51 -39.26
C LYS F 280 -0.26 -12.17 -37.88
N LEU F 281 1.02 -12.45 -37.67
CA LEU F 281 1.62 -12.21 -36.35
C LEU F 281 2.41 -10.91 -36.35
N TYR F 282 3.18 -10.65 -37.41
CA TYR F 282 3.88 -9.38 -37.53
C TYR F 282 2.90 -8.22 -37.51
N LEU F 283 1.69 -8.43 -38.01
CA LEU F 283 0.67 -7.39 -38.05
C LEU F 283 -0.73 -7.99 -37.95
N PHE F 292 -11.10 -6.18 -45.70
CA PHE F 292 -10.57 -6.66 -46.96
C PHE F 292 -9.07 -6.33 -47.09
N ASP F 293 -8.58 -5.46 -46.21
CA ASP F 293 -7.19 -5.02 -46.31
C ASP F 293 -6.23 -6.19 -46.08
N MET F 294 -6.69 -7.27 -45.44
CA MET F 294 -5.83 -8.43 -45.23
C MET F 294 -5.41 -9.05 -46.57
N ASP F 295 -6.38 -9.28 -47.45
CA ASP F 295 -6.07 -9.78 -48.78
C ASP F 295 -5.22 -8.79 -49.58
N TYR F 296 -5.45 -7.49 -49.39
CA TYR F 296 -4.60 -6.50 -50.03
C TYR F 296 -3.16 -6.66 -49.58
N LEU F 297 -2.93 -6.81 -48.28
CA LEU F 297 -1.57 -7.02 -47.78
C LEU F 297 -0.99 -8.31 -48.35
N GLU F 298 -1.79 -9.38 -48.39
CA GLU F 298 -1.31 -10.64 -48.96
C GLU F 298 -0.82 -10.42 -50.39
N MET F 299 -1.65 -9.82 -51.23
CA MET F 299 -1.26 -9.68 -52.63
C MET F 299 -0.08 -8.72 -52.79
N ARG F 300 0.00 -7.69 -51.97
CA ARG F 300 1.15 -6.81 -52.03
C ARG F 300 2.45 -7.53 -51.65
N GLU F 301 2.41 -8.37 -50.61
CA GLU F 301 3.59 -9.15 -50.27
C GLU F 301 3.94 -10.11 -51.39
N LEU F 302 2.93 -10.73 -52.01
CA LEU F 302 3.18 -11.62 -53.14
C LEU F 302 3.87 -10.87 -54.27
N GLU F 303 3.40 -9.66 -54.59
CA GLU F 303 4.00 -8.90 -55.68
C GLU F 303 5.40 -8.40 -55.33
N ASN F 304 5.64 -8.02 -54.07
CA ASN F 304 6.99 -7.67 -53.65
C ASN F 304 7.93 -8.87 -53.80
N PHE F 305 7.46 -10.04 -53.38
CA PHE F 305 8.22 -11.27 -53.57
C PHE F 305 8.52 -11.47 -55.05
N ALA F 306 7.52 -11.28 -55.91
CA ALA F 306 7.72 -11.50 -57.34
C ALA F 306 8.77 -10.55 -57.90
N LYS F 307 8.69 -9.27 -57.56
CA LYS F 307 9.64 -8.31 -58.11
C LYS F 307 11.06 -8.55 -57.60
N VAL F 308 11.25 -8.83 -56.31
CA VAL F 308 12.60 -9.12 -55.83
C VAL F 308 13.10 -10.42 -56.45
N LEU F 309 12.19 -11.37 -56.68
CA LEU F 309 12.54 -12.62 -57.34
C LEU F 309 13.11 -12.30 -58.71
N LYS F 310 12.39 -11.50 -59.50
CA LYS F 310 12.84 -11.09 -60.82
C LYS F 310 14.15 -10.32 -60.75
N TYR F 311 14.31 -9.52 -59.70
CA TYR F 311 15.53 -8.75 -59.50
C TYR F 311 16.73 -9.68 -59.39
N LEU F 312 16.65 -10.68 -58.51
CA LEU F 312 17.71 -11.67 -58.40
C LEU F 312 17.86 -12.48 -59.67
N ILE F 313 16.75 -12.85 -60.32
CA ILE F 313 16.81 -13.44 -61.66
C ILE F 313 17.77 -12.63 -62.52
N GLY F 314 17.56 -11.31 -62.54
CA GLY F 314 18.32 -10.47 -63.44
C GLY F 314 19.80 -10.43 -63.13
N ARG F 315 20.16 -10.24 -61.86
CA ARG F 315 21.58 -10.00 -61.62
C ARG F 315 22.46 -11.24 -61.85
N ASN F 316 22.10 -12.39 -61.32
CA ASN F 316 23.04 -13.49 -61.33
C ASN F 316 23.20 -14.06 -62.74
N ALA F 317 24.44 -14.43 -63.07
CA ALA F 317 24.73 -14.92 -64.42
C ALA F 317 24.24 -16.35 -64.62
N ALA F 318 24.41 -17.20 -63.61
CA ALA F 318 24.01 -18.59 -63.73
C ALA F 318 22.50 -18.70 -64.00
N THR F 319 21.71 -17.89 -63.30
CA THR F 319 20.27 -17.93 -63.49
C THR F 319 19.83 -17.22 -64.77
N LYS F 320 20.59 -16.24 -65.23
CA LYS F 320 20.22 -15.45 -66.39
C LYS F 320 19.77 -16.32 -67.55
N GLY F 321 18.49 -16.21 -67.92
CA GLY F 321 17.93 -16.95 -69.02
C GLY F 321 17.50 -18.36 -68.70
N TYR F 322 18.01 -18.95 -67.61
CA TYR F 322 17.72 -20.33 -67.24
C TYR F 322 16.62 -20.43 -66.19
N VAL F 323 15.75 -19.42 -66.09
CA VAL F 323 14.71 -19.40 -65.07
C VAL F 323 13.68 -18.35 -65.43
N ASN F 324 12.45 -18.55 -64.97
CA ASN F 324 11.37 -17.59 -65.16
C ASN F 324 10.37 -17.79 -64.03
N VAL F 325 9.60 -16.73 -63.73
CA VAL F 325 8.59 -16.77 -62.69
C VAL F 325 7.24 -16.52 -63.35
N LEU F 326 6.24 -17.33 -62.98
CA LEU F 326 4.88 -17.20 -63.48
C LEU F 326 4.03 -16.66 -62.33
N THR F 327 3.84 -15.35 -62.30
CA THR F 327 3.00 -14.72 -61.29
C THR F 327 1.55 -14.73 -61.75
N ASN F 328 0.63 -14.50 -60.81
CA ASN F 328 -0.80 -14.47 -61.10
C ASN F 328 -1.24 -15.78 -61.75
N VAL F 329 -1.13 -16.87 -61.00
CA VAL F 329 -1.42 -18.21 -61.50
C VAL F 329 -2.69 -18.71 -60.84
N LYS F 330 -3.66 -19.11 -61.65
CA LYS F 330 -4.89 -19.72 -61.16
C LYS F 330 -5.61 -18.79 -60.19
N LEU G 160 -22.22 -14.78 -27.83
CA LEU G 160 -20.81 -14.87 -28.18
C LEU G 160 -20.47 -16.33 -28.55
N PRO G 161 -19.43 -16.51 -29.38
CA PRO G 161 -19.22 -17.84 -29.99
C PRO G 161 -19.11 -18.98 -29.00
N SER G 162 -18.47 -18.75 -27.85
CA SER G 162 -18.25 -19.84 -26.90
C SER G 162 -19.58 -20.42 -26.43
N THR G 163 -20.57 -19.56 -26.20
CA THR G 163 -21.86 -20.04 -25.73
C THR G 163 -22.50 -20.98 -26.75
N ALA G 164 -22.55 -20.56 -28.02
CA ALA G 164 -23.17 -21.40 -29.05
C ALA G 164 -22.41 -22.71 -29.20
N LEU G 165 -21.08 -22.63 -29.21
CA LEU G 165 -20.28 -23.85 -29.35
C LEU G 165 -20.54 -24.80 -28.19
N ALA G 166 -20.60 -24.28 -26.97
CA ALA G 166 -20.85 -25.11 -25.80
C ALA G 166 -22.24 -25.75 -25.87
N ILE G 167 -23.24 -24.96 -26.27
CA ILE G 167 -24.60 -25.49 -26.36
C ILE G 167 -24.62 -26.65 -27.35
N GLY G 168 -24.04 -26.44 -28.52
CA GLY G 168 -24.03 -27.48 -29.53
C GLY G 168 -23.31 -28.73 -29.06
N TYR G 169 -22.10 -28.56 -28.53
CA TYR G 169 -21.31 -29.70 -28.09
C TYR G 169 -22.04 -30.47 -27.00
N TYR G 170 -22.45 -29.76 -25.94
CA TYR G 170 -23.23 -30.38 -24.89
C TYR G 170 -24.39 -31.16 -25.47
N ASN G 171 -25.33 -30.49 -26.11
CA ASN G 171 -26.52 -31.19 -26.58
C ASN G 171 -26.08 -32.44 -27.33
N SER G 172 -25.42 -32.26 -28.47
CA SER G 172 -25.16 -33.42 -29.31
C SER G 172 -24.43 -34.51 -28.54
N PHE G 173 -23.17 -34.25 -28.18
CA PHE G 173 -22.34 -35.33 -27.67
C PHE G 173 -22.87 -35.86 -26.34
N ILE G 174 -23.09 -34.96 -25.38
CA ILE G 174 -23.42 -35.41 -24.03
C ILE G 174 -24.79 -36.09 -24.02
N LYS G 175 -25.81 -35.46 -24.62
CA LYS G 175 -27.13 -36.07 -24.59
C LYS G 175 -27.09 -37.43 -25.28
N ARG G 176 -26.47 -37.52 -26.45
CA ARG G 176 -26.47 -38.79 -27.17
C ARG G 176 -25.76 -39.88 -26.36
N VAL G 177 -24.55 -39.58 -25.86
CA VAL G 177 -23.79 -40.61 -25.15
C VAL G 177 -24.53 -41.02 -23.88
N CYS G 178 -25.02 -40.05 -23.12
CA CYS G 178 -25.72 -40.36 -21.88
C CYS G 178 -26.93 -41.25 -22.15
N GLU G 179 -27.78 -40.84 -23.10
CA GLU G 179 -28.97 -41.62 -23.40
C GLU G 179 -28.61 -43.02 -23.88
N GLU G 180 -27.65 -43.13 -24.80
CA GLU G 180 -27.34 -44.44 -25.36
C GLU G 180 -26.77 -45.37 -24.29
N ILE G 181 -25.86 -44.87 -23.45
CA ILE G 181 -25.24 -45.72 -22.44
C ILE G 181 -26.26 -46.10 -21.37
N HIS G 182 -27.12 -45.15 -20.97
CA HIS G 182 -28.13 -45.48 -19.99
C HIS G 182 -29.16 -46.45 -20.55
N GLY G 183 -29.32 -46.50 -21.87
CA GLY G 183 -30.26 -47.44 -22.47
C GLY G 183 -29.67 -48.80 -22.77
N SER G 184 -28.36 -48.88 -23.02
CA SER G 184 -27.72 -50.13 -23.41
C SER G 184 -26.70 -50.64 -22.41
N GLU G 185 -26.10 -49.78 -21.61
CA GLU G 185 -25.13 -50.17 -20.58
C GLU G 185 -24.02 -51.04 -21.19
N CYS G 186 -23.54 -50.61 -22.34
CA CYS G 186 -22.48 -51.34 -23.03
C CYS G 186 -21.89 -50.44 -24.11
N VAL G 187 -20.64 -50.73 -24.47
CA VAL G 187 -19.87 -49.94 -25.42
C VAL G 187 -19.26 -50.89 -26.45
N GLU G 188 -18.49 -50.32 -27.39
CA GLU G 188 -17.88 -51.07 -28.48
C GLU G 188 -16.44 -50.57 -28.64
N LEU G 189 -15.47 -51.47 -28.50
CA LEU G 189 -14.07 -51.14 -28.70
C LEU G 189 -13.53 -51.84 -29.94
N LYS G 192 -15.06 -55.37 -31.00
CA LYS G 192 -15.21 -56.32 -29.90
C LYS G 192 -16.16 -55.76 -28.85
N LYS G 193 -17.13 -56.58 -28.44
CA LYS G 193 -18.22 -56.15 -27.57
C LYS G 193 -17.74 -56.10 -26.12
N ILE G 194 -18.24 -55.10 -25.38
CA ILE G 194 -17.97 -54.96 -23.96
C ILE G 194 -19.29 -54.70 -23.26
N LYS G 195 -19.33 -55.03 -21.96
CA LYS G 195 -20.49 -54.77 -21.13
C LYS G 195 -20.13 -53.77 -20.03
N VAL G 196 -21.02 -52.82 -19.78
CA VAL G 196 -20.79 -51.75 -18.82
C VAL G 196 -21.93 -51.74 -17.82
N LYS G 197 -21.64 -51.23 -16.62
CA LYS G 197 -22.64 -51.08 -15.57
C LYS G 197 -22.74 -49.65 -15.05
N SER G 198 -21.61 -48.95 -14.94
CA SER G 198 -21.61 -47.58 -14.46
C SER G 198 -21.19 -46.63 -15.58
N PHE G 199 -21.15 -45.34 -15.25
CA PHE G 199 -20.87 -44.31 -16.24
C PHE G 199 -20.43 -43.02 -15.56
N ARG G 200 -19.52 -42.31 -16.20
CA ARG G 200 -19.12 -40.97 -15.79
C ARG G 200 -18.18 -40.40 -16.84
N VAL G 201 -18.24 -39.09 -17.03
CA VAL G 201 -17.41 -38.40 -18.01
C VAL G 201 -16.72 -37.21 -17.35
N ASP G 202 -15.43 -37.06 -17.61
CA ASP G 202 -14.61 -35.97 -17.09
C ASP G 202 -14.03 -35.24 -18.29
N VAL G 203 -14.78 -34.29 -18.83
CA VAL G 203 -14.40 -33.63 -20.08
C VAL G 203 -13.32 -32.60 -19.78
N VAL G 204 -12.21 -32.66 -20.53
CA VAL G 204 -11.06 -31.81 -20.29
C VAL G 204 -11.20 -30.52 -21.10
N ILE G 205 -10.58 -29.45 -20.61
CA ILE G 205 -10.59 -28.15 -21.26
C ILE G 205 -9.24 -27.50 -21.06
N PRO G 206 -8.38 -27.42 -22.08
CA PRO G 206 -7.05 -26.84 -21.88
C PRO G 206 -7.13 -25.39 -21.43
N GLU G 207 -6.14 -24.98 -20.64
CA GLU G 207 -6.10 -23.61 -20.15
C GLU G 207 -5.92 -22.62 -21.29
N THR G 208 -5.20 -22.99 -22.33
CA THR G 208 -4.96 -22.12 -23.47
C THR G 208 -4.85 -22.97 -24.72
N LEU G 209 -5.16 -22.36 -25.85
CA LEU G 209 -5.19 -23.04 -27.14
C LEU G 209 -3.95 -22.71 -27.95
N ASP G 210 -3.65 -23.60 -28.90
CA ASP G 210 -2.57 -23.39 -29.84
C ASP G 210 -3.05 -22.43 -30.93
N ASP G 211 -2.24 -22.29 -31.99
CA ASP G 211 -2.64 -21.44 -33.10
C ASP G 211 -3.44 -22.21 -34.15
N ASN G 212 -3.46 -23.54 -34.06
CA ASN G 212 -4.10 -24.39 -35.06
C ASN G 212 -4.90 -25.52 -34.40
N GLY G 213 -5.67 -25.17 -33.38
CA GLY G 213 -6.59 -26.12 -32.76
C GLY G 213 -5.95 -26.86 -31.60
N VAL G 214 -6.59 -27.98 -31.25
CA VAL G 214 -6.19 -28.78 -30.10
C VAL G 214 -5.96 -30.25 -30.48
N GLY G 215 -5.72 -30.52 -31.77
CA GLY G 215 -5.45 -31.89 -32.17
C GLY G 215 -4.18 -32.45 -31.56
N ASN G 216 -3.11 -31.65 -31.58
CA ASN G 216 -1.85 -32.09 -30.99
C ASN G 216 -2.02 -32.32 -29.48
N PHE G 217 -2.83 -31.51 -28.82
CA PHE G 217 -3.13 -31.72 -27.42
C PHE G 217 -3.81 -33.08 -27.20
N THR G 218 -4.76 -33.41 -28.07
CA THR G 218 -5.44 -34.69 -27.97
C THR G 218 -4.46 -35.85 -28.17
N THR G 219 -3.55 -35.72 -29.14
CA THR G 219 -2.55 -36.78 -29.34
C THR G 219 -1.63 -36.88 -28.13
N LEU G 220 -1.28 -35.75 -27.52
CA LEU G 220 -0.45 -35.78 -26.33
C LEU G 220 -1.14 -36.56 -25.22
N TYR G 221 -2.42 -36.29 -24.98
CA TYR G 221 -3.15 -37.07 -23.97
C TYR G 221 -3.21 -38.53 -24.36
N ASN G 222 -3.45 -38.82 -25.64
CA ASN G 222 -3.52 -40.21 -26.10
C ASN G 222 -2.24 -40.96 -25.77
N LYS G 223 -1.10 -40.34 -26.02
CA LYS G 223 0.19 -40.98 -25.76
C LYS G 223 0.60 -40.91 -24.29
N ARG G 224 -0.03 -40.04 -23.50
CA ARG G 224 0.34 -39.86 -22.09
C ARG G 224 -0.47 -40.75 -21.17
N TYR G 225 -1.79 -40.63 -21.19
CA TYR G 225 -2.66 -41.42 -20.30
C TYR G 225 -2.95 -42.80 -20.87
N GLY G 226 -2.73 -43.01 -22.16
CA GLY G 226 -3.02 -44.29 -22.77
C GLY G 226 -4.49 -44.49 -23.05
N LEU G 227 -5.16 -43.43 -23.48
CA LEU G 227 -6.59 -43.50 -23.72
C LEU G 227 -6.90 -44.45 -24.87
N SER G 228 -8.09 -45.03 -24.84
CA SER G 228 -8.51 -46.01 -25.84
C SER G 228 -9.81 -45.55 -26.50
N LYS G 229 -9.94 -45.87 -27.78
CA LYS G 229 -11.06 -45.42 -28.60
C LYS G 229 -12.20 -46.44 -28.58
N ALA G 230 -13.40 -45.95 -28.32
CA ALA G 230 -14.58 -46.81 -28.38
C ALA G 230 -15.79 -45.97 -28.78
N THR G 231 -16.63 -46.53 -29.65
CA THR G 231 -17.85 -45.87 -30.08
C THR G 231 -19.03 -46.40 -29.26
N THR G 232 -20.23 -45.95 -29.59
CA THR G 232 -21.45 -46.45 -28.97
C THR G 232 -22.07 -47.53 -29.87
N CYS G 233 -22.70 -48.51 -29.22
CA CYS G 233 -23.28 -49.64 -29.93
C CYS G 233 -24.62 -49.21 -30.51
N THR G 234 -24.73 -49.24 -31.83
CA THR G 234 -25.96 -48.86 -32.51
C THR G 234 -26.40 -49.97 -33.46
N GLY G 243 -22.94 -44.09 -32.92
CA GLY G 243 -21.53 -44.43 -32.94
C GLY G 243 -20.64 -43.19 -32.84
N PHE G 244 -20.38 -42.76 -31.62
CA PHE G 244 -19.53 -41.59 -31.38
C PHE G 244 -18.18 -42.06 -30.84
N PRO G 245 -17.10 -42.02 -31.62
CA PRO G 245 -15.79 -42.40 -31.07
C PRO G 245 -15.40 -41.52 -29.89
N PHE G 246 -15.05 -42.15 -28.77
CA PHE G 246 -14.66 -41.44 -27.56
C PHE G 246 -13.45 -42.08 -26.92
N HIS G 247 -12.74 -41.29 -26.12
CA HIS G 247 -11.58 -41.74 -25.37
C HIS G 247 -12.06 -42.22 -24.00
N PHE G 248 -11.63 -43.43 -23.62
CA PHE G 248 -11.95 -43.98 -22.31
C PHE G 248 -10.70 -44.59 -21.70
N LYS G 249 -10.68 -44.67 -20.38
CA LYS G 249 -9.55 -45.24 -19.66
C LYS G 249 -9.97 -46.53 -18.94
N PRO G 260 -20.10 -54.81 -15.76
CA PRO G 260 -19.23 -55.35 -14.72
C PRO G 260 -17.99 -54.49 -14.45
N VAL G 261 -17.82 -53.42 -15.23
CA VAL G 261 -16.66 -52.55 -15.12
C VAL G 261 -17.14 -51.10 -15.00
N ASP G 262 -16.55 -50.37 -14.05
CA ASP G 262 -16.79 -48.93 -13.92
C ASP G 262 -15.84 -48.21 -14.86
N ILE G 263 -16.40 -47.55 -15.88
CA ILE G 263 -15.62 -46.88 -16.90
C ILE G 263 -15.58 -45.38 -16.60
N HIS G 264 -14.46 -44.76 -16.96
CA HIS G 264 -14.20 -43.34 -16.68
C HIS G 264 -13.98 -42.66 -18.03
N LEU G 265 -15.08 -42.23 -18.65
CA LEU G 265 -14.99 -41.54 -19.93
C LEU G 265 -14.34 -40.18 -19.76
N LEU G 266 -13.66 -39.73 -20.82
CA LEU G 266 -13.06 -38.41 -20.84
C LEU G 266 -12.59 -38.12 -22.26
N ASP G 267 -12.57 -36.84 -22.60
CA ASP G 267 -12.14 -36.41 -23.92
C ASP G 267 -12.06 -34.89 -23.93
N ILE G 268 -11.52 -34.35 -25.01
CA ILE G 268 -11.46 -32.91 -25.22
C ILE G 268 -12.49 -32.56 -26.30
N PRO G 269 -13.26 -31.47 -26.15
CA PRO G 269 -14.16 -31.06 -27.24
C PRO G 269 -13.37 -30.39 -28.35
N SER G 270 -13.28 -31.06 -29.49
CA SER G 270 -12.52 -30.49 -30.60
C SER G 270 -13.09 -29.15 -31.04
N THR G 271 -14.36 -28.88 -30.73
CA THR G 271 -14.97 -27.63 -31.12
C THR G 271 -14.23 -26.42 -30.54
N LEU G 272 -13.48 -26.61 -29.46
CA LEU G 272 -12.68 -25.52 -28.93
C LEU G 272 -11.81 -24.91 -30.01
N SER G 273 -11.25 -25.75 -30.88
CA SER G 273 -10.40 -25.23 -31.96
C SER G 273 -11.11 -24.14 -32.74
N THR G 274 -12.40 -24.34 -33.03
CA THR G 274 -13.17 -23.37 -33.80
C THR G 274 -13.01 -21.98 -33.20
N ILE G 275 -13.05 -21.88 -31.87
CA ILE G 275 -12.92 -20.59 -31.21
C ILE G 275 -11.81 -19.77 -31.84
N VAL G 276 -10.63 -20.37 -31.99
CA VAL G 276 -9.49 -19.63 -32.56
C VAL G 276 -9.92 -18.90 -33.82
N GLU G 277 -10.38 -19.67 -34.82
CA GLU G 277 -10.74 -19.05 -36.10
C GLU G 277 -11.78 -17.95 -35.90
N SER G 278 -12.78 -18.19 -35.05
CA SER G 278 -13.77 -17.15 -34.79
C SER G 278 -13.08 -15.88 -34.32
N LEU G 279 -12.25 -15.99 -33.28
CA LEU G 279 -11.60 -14.80 -32.75
C LEU G 279 -10.66 -14.18 -33.77
N LYS G 280 -10.27 -14.95 -34.79
CA LYS G 280 -9.40 -14.41 -35.82
C LYS G 280 -10.13 -13.36 -36.65
N LEU G 281 -11.43 -13.56 -36.90
CA LEU G 281 -12.14 -12.64 -37.76
C LEU G 281 -12.74 -11.47 -36.99
N TYR G 282 -12.85 -11.56 -35.68
CA TYR G 282 -13.42 -10.48 -34.88
C TYR G 282 -12.41 -9.36 -34.71
N ASP G 293 -3.55 -9.38 -25.69
CA ASP G 293 -4.97 -9.08 -25.82
C ASP G 293 -5.71 -10.29 -26.39
N MET G 294 -5.14 -10.87 -27.46
CA MET G 294 -5.76 -12.05 -28.06
C MET G 294 -5.78 -13.22 -27.08
N ASP G 295 -4.69 -13.41 -26.34
CA ASP G 295 -4.67 -14.46 -25.32
C ASP G 295 -5.72 -14.20 -24.26
N TYR G 296 -5.90 -12.93 -23.88
CA TYR G 296 -6.94 -12.58 -22.92
C TYR G 296 -8.31 -12.99 -23.43
N LEU G 297 -8.60 -12.68 -24.69
CA LEU G 297 -9.88 -13.06 -25.27
C LEU G 297 -10.03 -14.57 -25.31
N GLU G 298 -8.97 -15.29 -25.68
CA GLU G 298 -9.04 -16.74 -25.76
C GLU G 298 -9.35 -17.35 -24.40
N MET G 299 -8.69 -16.84 -23.35
CA MET G 299 -8.92 -17.40 -22.02
C MET G 299 -10.30 -17.02 -21.50
N ARG G 300 -10.80 -15.83 -21.81
CA ARG G 300 -12.17 -15.50 -21.47
C ARG G 300 -13.15 -16.43 -22.18
N GLU G 301 -12.91 -16.73 -23.45
CA GLU G 301 -13.79 -17.64 -24.18
C GLU G 301 -13.75 -19.03 -23.55
N LEU G 302 -12.57 -19.50 -23.15
CA LEU G 302 -12.48 -20.81 -22.51
C LEU G 302 -13.24 -20.84 -21.20
N GLU G 303 -13.08 -19.78 -20.38
CA GLU G 303 -13.80 -19.72 -19.11
C GLU G 303 -15.30 -19.68 -19.35
N ASN G 304 -15.73 -18.92 -20.35
CA ASN G 304 -17.16 -18.85 -20.69
C ASN G 304 -17.67 -20.20 -21.14
N PHE G 305 -16.87 -20.93 -21.93
CA PHE G 305 -17.27 -22.26 -22.36
C PHE G 305 -17.47 -23.18 -21.18
N ALA G 306 -16.53 -23.15 -20.23
CA ALA G 306 -16.66 -23.98 -19.04
C ALA G 306 -17.92 -23.61 -18.26
N LYS G 307 -18.16 -22.30 -18.08
CA LYS G 307 -19.32 -21.86 -17.32
C LYS G 307 -20.61 -22.31 -18.00
N VAL G 308 -20.68 -22.17 -19.32
CA VAL G 308 -21.90 -22.53 -20.04
C VAL G 308 -22.10 -24.04 -20.00
N LEU G 309 -21.01 -24.80 -20.08
CA LEU G 309 -21.14 -26.25 -19.99
C LEU G 309 -21.71 -26.66 -18.64
N LYS G 310 -21.19 -26.05 -17.57
CA LYS G 310 -21.77 -26.32 -16.24
C LYS G 310 -23.24 -25.89 -16.19
N TYR G 311 -23.53 -24.73 -16.78
CA TYR G 311 -24.90 -24.20 -16.78
C TYR G 311 -25.86 -25.20 -17.40
N LEU G 312 -25.50 -25.76 -18.55
CA LEU G 312 -26.36 -26.76 -19.19
C LEU G 312 -26.36 -28.06 -18.40
N ILE G 313 -25.25 -28.39 -17.74
CA ILE G 313 -25.20 -29.60 -16.90
C ILE G 313 -26.24 -29.51 -15.81
N GLY G 314 -26.42 -28.33 -15.23
CA GLY G 314 -27.31 -28.20 -14.08
C GLY G 314 -28.74 -28.57 -14.38
N ARG G 315 -29.21 -28.35 -15.61
CA ARG G 315 -30.62 -28.44 -15.93
C ARG G 315 -31.02 -29.72 -16.64
N ASN G 316 -30.44 -30.86 -16.30
CA ASN G 316 -30.89 -32.12 -16.88
C ASN G 316 -30.60 -33.26 -15.92
N ALA G 317 -31.51 -34.23 -15.88
CA ALA G 317 -31.32 -35.41 -15.05
C ALA G 317 -30.29 -36.35 -15.66
N ALA G 318 -30.16 -36.35 -16.98
CA ALA G 318 -29.14 -37.18 -17.62
C ALA G 318 -27.74 -36.79 -17.17
N THR G 319 -27.47 -35.50 -17.06
CA THR G 319 -26.21 -34.98 -16.54
C THR G 319 -26.51 -34.38 -15.16
N LYS G 320 -26.51 -35.25 -14.15
CA LYS G 320 -26.83 -34.85 -12.78
C LYS G 320 -25.83 -35.48 -11.81
N GLY G 321 -24.55 -35.41 -12.15
CA GLY G 321 -23.50 -36.00 -11.34
C GLY G 321 -22.64 -36.97 -12.12
N TYR G 322 -23.12 -37.40 -13.29
CA TYR G 322 -22.38 -38.30 -14.15
C TYR G 322 -21.44 -37.55 -15.10
N VAL G 323 -21.40 -36.23 -15.03
CA VAL G 323 -20.63 -35.40 -15.95
C VAL G 323 -19.92 -34.33 -15.14
N ASN G 324 -18.67 -34.03 -15.52
CA ASN G 324 -18.03 -32.85 -14.95
C ASN G 324 -16.95 -32.35 -15.91
N VAL G 325 -16.51 -31.12 -15.66
CA VAL G 325 -15.53 -30.45 -16.50
C VAL G 325 -14.26 -30.23 -15.70
N LEU G 326 -13.12 -30.40 -16.36
CA LEU G 326 -11.80 -30.19 -15.78
C LEU G 326 -11.17 -28.99 -16.50
N THR G 327 -11.39 -27.80 -15.95
CA THR G 327 -10.85 -26.59 -16.55
C THR G 327 -9.39 -26.40 -16.15
N ASN G 328 -8.64 -25.75 -17.03
CA ASN G 328 -7.24 -25.41 -16.79
C ASN G 328 -6.42 -26.64 -16.43
N VAL G 329 -6.33 -27.56 -17.40
CA VAL G 329 -5.58 -28.80 -17.24
C VAL G 329 -4.29 -28.68 -18.03
N LYS G 330 -3.18 -29.00 -17.36
CA LYS G 330 -1.84 -28.84 -17.94
C LYS G 330 -1.53 -27.37 -18.14
N PRO H 161 -24.43 -15.58 -33.54
CA PRO H 161 -24.54 -16.88 -32.87
C PRO H 161 -24.34 -18.04 -33.83
N SER H 162 -25.05 -18.01 -34.95
CA SER H 162 -24.93 -19.08 -35.94
C SER H 162 -23.64 -18.96 -36.76
N THR H 163 -23.05 -17.77 -36.84
CA THR H 163 -21.87 -17.58 -37.68
C THR H 163 -20.70 -18.41 -37.17
N ALA H 164 -20.43 -18.36 -35.87
CA ALA H 164 -19.32 -19.13 -35.32
C ALA H 164 -19.56 -20.63 -35.49
N LEU H 165 -20.80 -21.06 -35.28
CA LEU H 165 -21.14 -22.46 -35.49
C LEU H 165 -20.89 -22.88 -36.94
N ALA H 166 -21.28 -22.05 -37.90
CA ALA H 166 -21.05 -22.36 -39.29
C ALA H 166 -19.55 -22.42 -39.60
N ILE H 167 -18.78 -21.50 -39.03
CA ILE H 167 -17.33 -21.50 -39.23
C ILE H 167 -16.74 -22.80 -38.71
N GLY H 168 -17.15 -23.21 -37.51
CA GLY H 168 -16.64 -24.44 -36.95
C GLY H 168 -16.98 -25.65 -37.80
N TYR H 169 -18.24 -25.76 -38.22
CA TYR H 169 -18.63 -26.86 -39.09
C TYR H 169 -17.80 -26.86 -40.37
N TYR H 170 -17.76 -25.73 -41.06
CA TYR H 170 -16.98 -25.62 -42.28
C TYR H 170 -15.57 -26.12 -42.02
N ASN H 171 -14.83 -25.42 -41.16
CA ASN H 171 -13.45 -25.78 -40.95
C ASN H 171 -13.35 -27.28 -40.73
N SER H 172 -13.90 -27.77 -39.62
CA SER H 172 -13.64 -29.16 -39.28
C SER H 172 -14.05 -30.08 -40.42
N PHE H 173 -15.35 -30.19 -40.68
CA PHE H 173 -15.81 -31.25 -41.56
C PHE H 173 -15.30 -31.04 -42.99
N ILE H 174 -15.55 -29.85 -43.55
CA ILE H 174 -15.28 -29.66 -44.96
C ILE H 174 -13.77 -29.71 -45.23
N LYS H 175 -12.97 -28.96 -44.44
CA LYS H 175 -11.54 -28.97 -44.72
C LYS H 175 -10.98 -30.37 -44.54
N ARG H 176 -11.36 -31.06 -43.46
CA ARG H 176 -10.83 -32.40 -43.24
C ARG H 176 -11.16 -33.30 -44.42
N VAL H 177 -12.44 -33.35 -44.80
CA VAL H 177 -12.86 -34.30 -45.84
C VAL H 177 -12.19 -33.97 -47.16
N CYS H 178 -12.22 -32.70 -47.57
CA CYS H 178 -11.66 -32.33 -48.86
C CYS H 178 -10.16 -32.58 -48.91
N GLU H 179 -9.43 -32.17 -47.86
CA GLU H 179 -8.00 -32.39 -47.84
C GLU H 179 -7.66 -33.87 -47.85
N GLU H 180 -8.37 -34.68 -47.06
CA GLU H 180 -8.08 -36.11 -47.03
C GLU H 180 -8.35 -36.75 -48.40
N ILE H 181 -9.46 -36.39 -49.03
CA ILE H 181 -9.77 -36.95 -50.34
C ILE H 181 -8.70 -36.55 -51.36
N HIS H 182 -8.29 -35.28 -51.33
CA HIS H 182 -7.30 -34.82 -52.29
C HIS H 182 -5.95 -35.51 -52.07
N GLY H 183 -5.56 -35.71 -50.81
CA GLY H 183 -4.25 -36.27 -50.54
C GLY H 183 -4.18 -37.79 -50.59
N SER H 184 -5.31 -38.47 -50.47
CA SER H 184 -5.34 -39.92 -50.42
C SER H 184 -6.09 -40.57 -51.57
N GLU H 185 -7.21 -39.98 -52.00
CA GLU H 185 -8.04 -40.58 -53.05
C GLU H 185 -8.43 -42.01 -52.70
N CYS H 186 -8.78 -42.22 -51.43
CA CYS H 186 -9.18 -43.53 -50.94
C CYS H 186 -10.23 -43.33 -49.85
N VAL H 187 -11.46 -43.71 -50.16
CA VAL H 187 -12.59 -43.52 -49.24
C VAL H 187 -13.17 -44.88 -48.88
N GLU H 188 -13.45 -45.06 -47.59
CA GLU H 188 -14.02 -46.32 -47.11
C GLU H 188 -15.44 -46.47 -47.64
N LEU H 189 -15.92 -47.71 -47.67
CA LEU H 189 -17.25 -48.01 -48.18
C LEU H 189 -17.88 -49.16 -47.40
N LYS H 192 -14.47 -50.07 -48.59
CA LYS H 192 -13.34 -50.99 -48.53
C LYS H 192 -12.24 -50.58 -49.49
N LYS H 193 -12.59 -50.47 -50.78
CA LYS H 193 -11.60 -50.14 -51.80
C LYS H 193 -12.34 -49.39 -52.92
N ILE H 194 -11.92 -48.15 -53.17
CA ILE H 194 -12.47 -47.38 -54.28
C ILE H 194 -11.56 -46.18 -54.51
N LYS H 195 -11.44 -45.77 -55.77
CA LYS H 195 -10.62 -44.63 -56.13
C LYS H 195 -11.44 -43.35 -56.03
N VAL H 196 -10.85 -42.23 -56.42
CA VAL H 196 -11.55 -40.95 -56.47
C VAL H 196 -10.98 -40.14 -57.62
N LYS H 197 -11.85 -39.72 -58.53
CA LYS H 197 -11.43 -38.97 -59.72
C LYS H 197 -12.01 -37.57 -59.73
N SER H 198 -13.33 -37.43 -59.58
CA SER H 198 -13.97 -36.13 -59.50
C SER H 198 -15.07 -36.20 -58.46
N PHE H 199 -15.22 -35.13 -57.67
CA PHE H 199 -16.19 -35.13 -56.60
C PHE H 199 -16.56 -33.69 -56.26
N ARG H 200 -17.61 -33.54 -55.46
CA ARG H 200 -17.96 -32.26 -54.89
C ARG H 200 -18.98 -32.50 -53.79
N VAL H 201 -18.79 -31.86 -52.64
CA VAL H 201 -19.65 -32.04 -51.49
C VAL H 201 -20.84 -31.10 -51.63
N ASP H 202 -22.05 -31.65 -51.64
CA ASP H 202 -23.28 -30.88 -51.67
C ASP H 202 -23.82 -30.81 -50.24
N VAL H 203 -23.65 -29.67 -49.60
CA VAL H 203 -24.16 -29.44 -48.26
C VAL H 203 -25.57 -28.90 -48.39
N VAL H 204 -26.58 -29.73 -48.13
CA VAL H 204 -27.96 -29.35 -48.36
C VAL H 204 -28.58 -28.91 -47.04
N ILE H 205 -29.19 -27.73 -47.05
CA ILE H 205 -29.65 -27.06 -45.83
C ILE H 205 -31.17 -27.00 -45.80
N PRO H 206 -31.83 -27.56 -44.78
CA PRO H 206 -33.28 -27.40 -44.68
C PRO H 206 -33.67 -25.94 -44.49
N GLU H 207 -34.87 -25.59 -44.98
CA GLU H 207 -35.37 -24.24 -44.77
C GLU H 207 -35.78 -24.02 -43.32
N THR H 208 -36.50 -24.97 -42.75
CA THR H 208 -37.00 -24.86 -41.39
C THR H 208 -36.71 -26.15 -40.64
N LEU H 209 -36.46 -26.02 -39.34
CA LEU H 209 -36.08 -27.13 -38.48
C LEU H 209 -37.30 -27.62 -37.69
N ASP H 210 -37.09 -28.68 -36.91
CA ASP H 210 -38.11 -29.27 -36.07
C ASP H 210 -37.85 -28.92 -34.62
N ASP H 211 -38.88 -29.13 -33.79
CA ASP H 211 -38.75 -28.83 -32.37
C ASP H 211 -37.63 -29.65 -31.72
N ASN H 212 -37.56 -30.94 -32.06
CA ASN H 212 -36.52 -31.80 -31.48
C ASN H 212 -35.17 -31.59 -32.15
N GLY H 213 -35.13 -30.96 -33.32
CA GLY H 213 -33.88 -30.73 -34.02
C GLY H 213 -34.01 -30.86 -35.52
N VAL H 214 -33.10 -31.63 -36.14
CA VAL H 214 -33.10 -31.84 -37.58
C VAL H 214 -33.00 -33.31 -37.95
N GLY H 215 -33.05 -34.22 -36.98
CA GLY H 215 -32.89 -35.64 -37.30
C GLY H 215 -33.97 -36.17 -38.22
N ASN H 216 -35.21 -35.71 -38.01
CA ASN H 216 -36.32 -36.18 -38.84
C ASN H 216 -36.07 -35.86 -40.31
N PHE H 217 -35.75 -34.59 -40.59
CA PHE H 217 -35.41 -34.20 -41.96
C PHE H 217 -34.19 -34.98 -42.46
N THR H 218 -33.22 -35.21 -41.58
CA THR H 218 -32.03 -35.97 -41.97
C THR H 218 -32.42 -37.34 -42.50
N THR H 219 -33.23 -38.08 -41.74
CA THR H 219 -33.64 -39.42 -42.16
C THR H 219 -34.52 -39.36 -43.41
N LEU H 220 -35.42 -38.38 -43.48
CA LEU H 220 -36.30 -38.24 -44.63
C LEU H 220 -35.48 -38.07 -45.89
N TYR H 221 -34.53 -37.13 -45.88
CA TYR H 221 -33.69 -36.92 -47.05
C TYR H 221 -32.78 -38.11 -47.32
N ASN H 222 -32.33 -38.79 -46.25
CA ASN H 222 -31.46 -39.95 -46.42
C ASN H 222 -32.16 -41.05 -47.19
N LYS H 223 -33.42 -41.34 -46.87
CA LYS H 223 -34.10 -42.48 -47.48
C LYS H 223 -34.90 -42.12 -48.72
N ARG H 224 -35.38 -40.88 -48.85
CA ARG H 224 -36.18 -40.54 -50.02
C ARG H 224 -35.35 -40.54 -51.29
N TYR H 225 -34.08 -40.11 -51.21
CA TYR H 225 -33.18 -40.15 -52.35
C TYR H 225 -32.32 -41.40 -52.37
N GLY H 226 -32.10 -42.04 -51.23
CA GLY H 226 -31.23 -43.20 -51.16
C GLY H 226 -29.78 -42.78 -51.10
N LEU H 227 -29.02 -43.35 -50.18
CA LEU H 227 -27.63 -42.93 -49.98
C LEU H 227 -26.87 -44.06 -49.31
N SER H 228 -25.54 -44.01 -49.45
CA SER H 228 -24.64 -44.97 -48.83
C SER H 228 -23.67 -44.20 -47.94
N LYS H 229 -23.50 -44.67 -46.71
CA LYS H 229 -22.70 -43.96 -45.72
C LYS H 229 -21.40 -44.70 -45.46
N ALA H 230 -20.30 -43.96 -45.44
CA ALA H 230 -19.00 -44.51 -45.09
C ALA H 230 -18.03 -43.35 -44.87
N THR H 231 -16.88 -43.68 -44.30
CA THR H 231 -15.89 -42.69 -43.89
C THR H 231 -14.76 -42.62 -44.91
N THR H 232 -13.75 -41.81 -44.58
CA THR H 232 -12.57 -41.65 -45.41
C THR H 232 -11.56 -42.74 -45.08
N CYS H 233 -10.34 -42.61 -45.60
CA CYS H 233 -9.29 -43.58 -45.34
C CYS H 233 -8.98 -43.67 -43.85
N ARG H 242 -9.52 -38.67 -36.94
CA ARG H 242 -10.39 -39.83 -36.80
C ARG H 242 -11.25 -40.00 -38.05
N GLY H 243 -11.77 -41.21 -38.23
CA GLY H 243 -12.62 -41.48 -39.38
C GLY H 243 -13.82 -40.54 -39.41
N PHE H 244 -14.13 -40.03 -40.60
CA PHE H 244 -15.21 -39.09 -40.79
C PHE H 244 -16.30 -39.73 -41.64
N PRO H 245 -17.33 -40.33 -41.04
CA PRO H 245 -18.42 -40.88 -41.86
C PRO H 245 -19.19 -39.78 -42.58
N PHE H 246 -19.69 -40.12 -43.77
CA PHE H 246 -20.49 -39.20 -44.56
C PHE H 246 -21.27 -39.99 -45.59
N HIS H 247 -22.29 -39.34 -46.16
CA HIS H 247 -23.20 -39.94 -47.10
C HIS H 247 -22.76 -39.60 -48.53
N PHE H 248 -22.99 -40.52 -49.45
CA PHE H 248 -22.62 -40.34 -50.85
C PHE H 248 -23.44 -41.34 -51.68
N LYS H 249 -23.09 -41.47 -52.95
CA LYS H 249 -23.72 -42.47 -53.82
C LYS H 249 -22.68 -43.48 -54.30
N PRO H 260 -13.46 -47.52 -59.75
CA PRO H 260 -13.62 -46.57 -60.86
C PRO H 260 -14.99 -45.90 -60.87
N VAL H 261 -15.10 -44.74 -60.23
CA VAL H 261 -16.37 -44.02 -60.15
C VAL H 261 -16.08 -42.60 -59.71
N ASP H 262 -16.94 -41.68 -60.12
CA ASP H 262 -16.87 -40.29 -59.67
C ASP H 262 -17.79 -40.14 -58.47
N ILE H 263 -17.19 -40.09 -57.28
CA ILE H 263 -17.96 -40.06 -56.04
C ILE H 263 -18.67 -38.72 -55.92
N HIS H 264 -19.89 -38.77 -55.37
CA HIS H 264 -20.72 -37.58 -55.13
C HIS H 264 -21.10 -37.57 -53.66
N LEU H 265 -20.56 -36.62 -52.91
CA LEU H 265 -20.80 -36.54 -51.48
C LEU H 265 -21.98 -35.62 -51.19
N LEU H 266 -22.84 -36.05 -50.28
CA LEU H 266 -24.00 -35.28 -49.87
C LEU H 266 -24.01 -35.19 -48.35
N ASP H 267 -24.42 -34.02 -47.84
CA ASP H 267 -24.25 -33.75 -46.42
C ASP H 267 -25.48 -33.07 -45.84
N ILE H 268 -26.03 -33.68 -44.81
CA ILE H 268 -26.99 -33.05 -43.90
C ILE H 268 -26.23 -32.66 -42.64
N PRO H 269 -25.85 -31.39 -42.46
CA PRO H 269 -25.12 -31.01 -41.25
C PRO H 269 -26.03 -31.05 -40.04
N SER H 270 -25.84 -32.06 -39.19
CA SER H 270 -26.66 -32.19 -37.99
C SER H 270 -26.53 -30.97 -37.09
N THR H 271 -25.42 -30.25 -37.18
CA THR H 271 -25.17 -29.15 -36.25
C THR H 271 -26.27 -28.11 -36.31
N LEU H 272 -27.01 -28.05 -37.41
CA LEU H 272 -28.11 -27.09 -37.52
C LEU H 272 -29.04 -27.18 -36.33
N SER H 273 -29.24 -28.39 -35.80
CA SER H 273 -30.11 -28.54 -34.63
C SER H 273 -29.73 -27.55 -33.54
N THR H 274 -28.44 -27.52 -33.19
CA THR H 274 -27.95 -26.60 -32.17
C THR H 274 -28.59 -25.24 -32.32
N ILE H 275 -28.65 -24.74 -33.55
CA ILE H 275 -29.15 -23.38 -33.78
C ILE H 275 -30.45 -23.17 -33.02
N VAL H 276 -31.47 -23.97 -33.34
CA VAL H 276 -32.78 -23.72 -32.74
C VAL H 276 -32.66 -23.76 -31.23
N GLU H 277 -31.98 -24.78 -30.68
CA GLU H 277 -31.87 -24.87 -29.23
C GLU H 277 -31.20 -23.63 -28.67
N SER H 278 -30.13 -23.16 -29.30
CA SER H 278 -29.48 -21.95 -28.82
C SER H 278 -30.50 -20.82 -28.71
N LEU H 279 -31.32 -20.63 -29.75
CA LEU H 279 -32.32 -19.57 -29.69
C LEU H 279 -33.23 -19.77 -28.49
N LYS H 280 -33.66 -21.01 -28.26
CA LYS H 280 -34.55 -21.28 -27.13
C LYS H 280 -33.88 -20.85 -25.82
N LEU H 281 -32.57 -21.07 -25.71
CA LEU H 281 -31.88 -20.62 -24.51
C LEU H 281 -31.64 -19.11 -24.54
N TYR H 282 -31.43 -18.56 -25.74
CA TYR H 282 -31.20 -17.12 -25.84
C TYR H 282 -32.45 -16.34 -25.46
N LEU H 283 -33.61 -16.79 -25.93
CA LEU H 283 -34.86 -16.09 -25.68
C LEU H 283 -35.58 -16.68 -24.48
N ASP H 293 -42.03 -14.61 -34.83
CA ASP H 293 -40.68 -14.17 -35.15
C ASP H 293 -39.68 -15.31 -34.96
N MET H 294 -40.07 -16.32 -34.18
CA MET H 294 -39.19 -17.45 -33.93
C MET H 294 -38.80 -18.14 -35.24
N ASP H 295 -39.80 -18.46 -36.07
CA ASP H 295 -39.52 -19.08 -37.35
C ASP H 295 -38.73 -18.13 -38.25
N TYR H 296 -39.07 -16.84 -38.22
CA TYR H 296 -38.32 -15.86 -38.98
C TYR H 296 -36.87 -15.79 -38.50
N LEU H 297 -36.68 -15.87 -37.18
CA LEU H 297 -35.32 -15.88 -36.64
C LEU H 297 -34.56 -17.10 -37.13
N GLU H 298 -35.20 -18.27 -37.13
CA GLU H 298 -34.53 -19.47 -37.64
C GLU H 298 -34.16 -19.30 -39.11
N MET H 299 -35.08 -18.74 -39.90
CA MET H 299 -34.78 -18.52 -41.32
C MET H 299 -33.59 -17.58 -41.48
N ARG H 300 -33.54 -16.51 -40.69
CA ARG H 300 -32.42 -15.58 -40.76
C ARG H 300 -31.11 -16.28 -40.42
N GLU H 301 -31.11 -17.09 -39.36
CA GLU H 301 -29.91 -17.81 -38.99
C GLU H 301 -29.48 -18.78 -40.09
N LEU H 302 -30.45 -19.43 -40.73
CA LEU H 302 -30.13 -20.35 -41.82
C LEU H 302 -29.50 -19.61 -43.00
N GLU H 303 -30.06 -18.44 -43.36
CA GLU H 303 -29.45 -17.66 -44.44
C GLU H 303 -28.05 -17.22 -44.08
N ASN H 304 -27.84 -16.81 -42.83
CA ASN H 304 -26.50 -16.43 -42.37
C ASN H 304 -25.54 -17.61 -42.50
N PHE H 305 -26.00 -18.79 -42.08
CA PHE H 305 -25.19 -20.01 -42.18
C PHE H 305 -24.78 -20.26 -43.63
N ALA H 306 -25.75 -20.20 -44.54
CA ALA H 306 -25.46 -20.45 -45.94
C ALA H 306 -24.46 -19.43 -46.48
N LYS H 307 -24.66 -18.15 -46.14
CA LYS H 307 -23.77 -17.10 -46.64
C LYS H 307 -22.35 -17.32 -46.17
N VAL H 308 -22.17 -17.56 -44.87
CA VAL H 308 -20.82 -17.72 -44.34
C VAL H 308 -20.18 -19.00 -44.88
N LEU H 309 -20.97 -20.06 -45.06
CA LEU H 309 -20.42 -21.28 -45.65
C LEU H 309 -19.91 -21.02 -47.06
N LYS H 310 -20.71 -20.33 -47.88
CA LYS H 310 -20.27 -20.02 -49.23
C LYS H 310 -19.01 -19.17 -49.21
N TYR H 311 -18.98 -18.16 -48.34
CA TYR H 311 -17.82 -17.28 -48.28
C TYR H 311 -16.57 -18.07 -47.90
N LEU H 312 -16.69 -18.96 -46.92
CA LEU H 312 -15.53 -19.73 -46.48
C LEU H 312 -15.09 -20.72 -47.56
N ILE H 313 -16.04 -21.31 -48.28
CA ILE H 313 -15.67 -22.15 -49.42
C ILE H 313 -14.85 -21.35 -50.41
N GLY H 314 -15.26 -20.10 -50.66
CA GLY H 314 -14.53 -19.27 -51.60
C GLY H 314 -13.11 -18.95 -51.14
N ARG H 315 -12.91 -18.76 -49.84
CA ARG H 315 -11.63 -18.26 -49.33
C ARG H 315 -10.52 -19.30 -49.37
N ASN H 316 -10.81 -20.57 -49.63
CA ASN H 316 -9.80 -21.61 -49.63
C ASN H 316 -9.70 -22.24 -51.00
N ALA H 317 -8.48 -22.56 -51.41
CA ALA H 317 -8.25 -23.14 -52.73
C ALA H 317 -8.63 -24.62 -52.75
N ALA H 318 -8.45 -25.32 -51.64
CA ALA H 318 -8.75 -26.75 -51.61
C ALA H 318 -10.24 -27.00 -51.85
N THR H 319 -11.10 -26.18 -51.27
CA THR H 319 -12.54 -26.40 -51.38
C THR H 319 -13.14 -25.67 -52.58
N LYS H 320 -12.51 -24.59 -53.03
CA LYS H 320 -13.06 -23.78 -54.12
C LYS H 320 -13.41 -24.66 -55.31
N GLY H 321 -14.67 -24.56 -55.74
CA GLY H 321 -15.14 -25.30 -56.90
C GLY H 321 -15.56 -26.72 -56.58
N TYR H 322 -14.88 -27.34 -55.62
CA TYR H 322 -15.14 -28.72 -55.24
C TYR H 322 -16.19 -28.83 -54.13
N VAL H 323 -16.88 -27.73 -53.82
CA VAL H 323 -17.89 -27.74 -52.76
C VAL H 323 -19.03 -26.85 -53.21
N ASN H 324 -20.25 -27.21 -52.81
CA ASN H 324 -21.41 -26.38 -53.11
C ASN H 324 -22.43 -26.58 -51.99
N VAL H 325 -23.03 -25.48 -51.56
CA VAL H 325 -24.07 -25.50 -50.54
C VAL H 325 -25.40 -25.18 -51.21
N LEU H 326 -26.37 -26.07 -51.05
CA LEU H 326 -27.68 -25.96 -51.67
C LEU H 326 -28.69 -25.63 -50.57
N THR H 327 -28.94 -24.34 -50.38
CA THR H 327 -29.99 -23.90 -49.48
C THR H 327 -31.34 -24.04 -50.19
N ASN H 328 -32.42 -23.87 -49.44
CA ASN H 328 -33.77 -23.97 -49.99
C ASN H 328 -33.99 -25.36 -50.60
N VAL H 329 -33.95 -26.38 -49.74
CA VAL H 329 -34.11 -27.77 -50.15
C VAL H 329 -35.34 -28.33 -49.44
N LYS H 330 -36.33 -28.76 -50.23
CA LYS H 330 -37.55 -29.34 -49.69
C LYS H 330 -38.20 -28.41 -48.67
OAC 4BW I . 19.86 32.08 40.98
CBC 4BW I . 19.80 33.17 40.10
NAT 4BW I . 20.21 34.38 40.48
CBA 4BW I . 20.16 35.40 39.64
NAA 4BW I . 20.64 36.79 40.11
NAS 4BW I . 19.70 35.27 38.39
CBG 4BW I . 19.26 34.08 37.94
CBE 4BW I . 19.30 32.99 38.78
NAR 4BW I . 18.82 31.92 38.10
CAL 4BW I . 18.49 32.33 36.88
NBQ 4BW I . 18.76 33.63 36.77
CBO 4BW I . 18.54 34.44 35.60
CBI 4BW I . 19.86 34.30 34.62
OAG 4BW I . 20.10 35.56 33.91
OAX 4BW I . 17.51 34.03 34.94
CBK 4BW I . 18.04 33.68 33.51
CAN 4BW I . 17.40 32.58 33.00
OAV 4BW I . 17.00 31.79 34.04
PBR 4BW I . 16.84 30.15 33.75
O3' 4BW I . 17.96 29.57 32.68
OAH 4BW I . 16.70 29.33 34.99
OAD 4BW I . 15.52 30.00 33.05
CBM 4BW I . 19.54 33.38 33.77
OAZ 4BW I . 20.34 33.49 32.51
PBS 4BW I . 21.74 32.59 32.41
OAI 4BW I . 22.59 32.95 31.27
OAE 4BW I . 22.53 32.98 33.63
O5' 4BW I . 21.47 30.94 32.58
C5' 4BW I . 20.72 30.29 31.62
C4' 4BW I . 20.17 29.05 32.22
O4' 4BW I . 21.37 28.18 32.95
C3' 4BW I . 19.34 29.35 33.19
C2' 4BW I . 19.38 28.10 34.11
O2' 4BW I . 18.34 27.28 33.83
C1' 4BW I . 20.75 27.39 33.76
N9 4BW I . 21.53 27.20 35.03
C8 4BW I . 22.51 27.97 35.47
N7 4BW I . 22.98 27.49 36.63
C5 4BW I . 22.26 26.39 36.94
C4 4BW I . 21.34 26.19 35.93
N3 4BW I . 20.50 25.13 35.99
C2 4BW I . 20.52 24.28 37.01
N1 4BW I . 21.40 24.45 37.99
C6 4BW I . 22.27 25.46 38.00
N6 4BW I . 23.21 25.62 39.10
H2 4BW I . 20.30 37.19 41.04
H3 4BW I . 21.28 37.31 39.55
H4 4BW I . 18.08 31.70 36.11
H5 4BW I . 18.41 35.44 35.87
H6 4BW I . 20.72 34.02 35.17
H7 4BW I . 20.76 36.11 34.42
H8 4BW I . 17.93 34.52 32.86
H9 4BW I . 16.57 32.88 32.44
H10 4BW I . 18.10 32.02 32.34
H12 4BW I . 19.65 32.43 34.21
H14 4BW I . 21.33 30.05 30.77
H15 4BW I . 19.89 30.94 31.31
H16 4BW I . 19.66 28.44 31.44
H17 4BW I . 19.69 30.22 33.74
H18 4BW I . 19.36 28.39 35.10
H19 4BW I . 17.72 27.27 34.60
H20 4BW I . 20.56 26.41 33.27
H21 4BW I . 22.89 28.86 34.95
H22 4BW I . 19.82 23.43 37.05
H23 4BW I . 24.16 25.89 38.92
H24 4BW I . 22.90 25.44 40.04
OAC 4BW J . -13.70 26.29 52.94
CBC 4BW J . -13.67 27.14 51.82
NAT 4BW J . -13.14 28.37 51.92
CBA 4BW J . -13.09 29.17 50.87
NAA 4BW J . -12.47 30.58 51.01
NAS 4BW J . -13.58 28.79 49.68
CBG 4BW J . -14.13 27.58 49.50
CBE 4BW J . -14.19 26.71 50.58
NAR 4BW J . -14.78 25.57 50.15
CAL 4BW J . -15.08 25.71 48.87
NBQ 4BW J . -14.68 26.93 48.47
CBO 4BW J . -14.83 27.47 47.14
CBI 4BW J . -13.52 27.05 46.22
OAG 4BW J . -13.01 28.22 45.52
OAX 4BW J . -15.89 26.97 46.58
CBK 4BW J . -15.44 26.50 45.17
CAN 4BW J . -16.13 25.39 44.78
OAV 4BW J . -16.32 24.59 45.88
PBR 4BW J . -16.53 22.95 45.64
O3' 4BW J . -15.54 22.32 44.47
OAH 4BW J . -16.54 22.15 46.90
OAD 4BW J . -17.92 22.80 45.08
CBM 4BW J . -13.92 26.17 45.36
OAZ 4BW J . -13.19 26.32 44.07
PBS 4BW J . -11.83 25.41 43.83
OAI 4BW J . -11.07 25.75 42.62
OAE 4BW J . -10.91 25.78 44.97
O5' 4BW J . -12.10 23.76 44.03
C5' 4BW J . -12.95 23.11 43.15
C4' 4BW J . -13.38 21.84 43.77
O4' 4BW J . -12.08 21.00 44.34
C3' 4BW J . -14.12 22.09 44.84
C2' 4BW J . -13.97 20.80 45.65
O2' 4BW J . -14.73 19.81 45.14
C1' 4BW J . -12.43 20.46 45.47
N9 4BW J . -11.68 21.08 46.61
C8 4BW J . -11.03 22.23 46.58
N7 4BW J . -10.47 22.48 47.77
C5 4BW J . -10.79 21.44 48.59
C4 4BW J . -11.55 20.55 47.86
N3 4BW J . -11.99 19.43 48.47
C2 4BW J . -11.71 19.15 49.74
N1 4BW J . -10.98 19.99 50.45
C6 4BW J . -10.49 21.13 49.94
N6 4BW J . -9.71 22.03 50.75
H2 4BW J . -11.57 30.81 50.51
H3 4BW J . -12.92 31.26 51.58
H4 4BW J . -15.55 24.98 48.25
H5 4BW J . -14.91 28.50 47.18
H6 4BW J . -12.77 26.63 46.84
H7 4BW J . -12.24 28.62 46.04
H8 4BW J . -15.55 27.29 44.46
H9 4BW J . -17.05 25.66 44.38
H10 4BW J . -15.54 24.83 44.02
H12 4BW J . -13.81 25.20 45.75
H14 4BW J . -13.81 23.74 42.95
H15 4BW J . -12.42 22.90 42.21
H16 4BW J . -13.95 21.23 43.04
H17 4BW J . -13.72 22.94 45.38
H18 4BW J . -14.19 20.97 46.66
H19 4BW J . -15.54 19.70 45.71
H20 4BW J . -12.27 19.35 45.45
H21 4BW J . -10.95 22.89 45.71
H22 4BW J . -12.08 18.22 50.19
H23 4BW J . -10.09 22.91 51.07
H24 4BW J . -8.76 21.78 50.99
OAC 4BW K . 13.86 -31.37 -45.36
CBC 4BW K . 14.46 -30.48 -44.45
NAT 4BW K . 15.40 -30.91 -43.60
CBA 4BW K . 15.96 -30.08 -42.74
NAA 4BW K . 17.04 -30.61 -41.78
NAS 4BW K . 15.60 -28.79 -42.68
CBG 4BW K . 14.66 -28.29 -43.49
CBE 4BW K . 14.05 -29.13 -44.41
NAR 4BW K . 13.16 -28.40 -45.11
CAL 4BW K . 13.19 -27.15 -44.65
NBQ 4BW K . 14.11 -27.07 -43.67
CBO 4BW K . 14.43 -25.89 -42.93
CBI 4BW K . 15.58 -25.02 -43.74
OAG 4BW K . 16.52 -24.44 -42.79
OAX 4BW K . 13.37 -25.13 -42.82
CBK 4BW K . 13.80 -23.74 -43.36
CAN 4BW K . 12.77 -23.12 -44.01
OAV 4BW K . 11.91 -24.07 -44.49
PBR 4BW K . 10.94 -23.68 -45.80
O3' 4BW K . 11.71 -22.76 -46.94
OAH 4BW K . 10.22 -24.86 -46.39
OAD 4BW K . 9.86 -22.79 -45.25
CBM 4BW K . 14.94 -24.09 -44.36
OAZ 4BW K . 15.81 -22.88 -44.61
PBS 4BW K . 16.57 -22.73 -46.07
OAI 4BW K . 17.47 -21.57 -46.15
OAE 4BW K . 17.46 -23.93 -46.16
O5' 4BW K . 15.53 -22.86 -47.39
C5' 4BW K . 14.60 -21.85 -47.61
C4' 4BW K . 13.49 -22.44 -48.37
O4' 4BW K . 14.05 -23.25 -49.70
C3' 4BW K . 12.88 -23.34 -47.64
C2' 4BW K . 12.41 -24.45 -48.61
O2' 4BW K . 11.08 -24.37 -48.82
C1' 4BW K . 13.19 -24.18 -49.96
N9 4BW K . 13.89 -25.44 -50.39
C8 4BW K . 15.05 -25.90 -49.91
N7 4BW K . 15.37 -27.04 -50.53
C5 4BW K . 14.39 -27.32 -51.42
C4 4BW K . 13.45 -26.30 -51.35
N3 4BW K . 12.37 -26.34 -52.15
C2 4BW K . 12.18 -27.33 -53.02
N1 4BW K . 13.07 -28.31 -53.11
C6 4BW K . 14.17 -28.35 -52.34
N6 4BW K . 15.11 -29.44 -52.48
H2 4BW K . 16.77 -31.09 -40.88
H3 4BW K . 18.00 -30.51 -42.01
H4 4BW K . 12.59 -26.34 -45.01
H5 4BW K . 14.78 -26.13 -41.99
H6 4BW K . 16.09 -25.64 -44.44
H7 4BW K . 16.76 -25.12 -42.09
H8 4BW K . 14.17 -23.13 -42.57
H9 4BW K . 12.26 -22.49 -43.35
H10 4BW K . 13.17 -22.52 -44.87
H12 4BW K . 14.54 -24.45 -45.27
H14 4BW K . 15.05 -21.06 -48.18
H15 4BW K . 14.22 -21.47 -46.66
H16 4BW K . 12.76 -21.65 -48.69
H17 4BW K . 13.57 -23.76 -46.91
H18 4BW K . 12.67 -25.39 -48.23
H19 4BW K . 10.76 -25.24 -49.16
H20 4BW K . 12.49 -23.85 -50.76
H21 4BW K . 15.64 -25.41 -49.12
H22 4BW K . 11.29 -27.34 -53.66
H23 4BW K . 15.46 -29.92 -51.66
H24 4BW K . 15.43 -29.73 -53.40
OAC 4BW L . -18.56 -38.66 -32.37
CBC 4BW L . -18.04 -37.57 -31.65
NAT 4BW L . -16.98 -37.73 -30.85
CBA 4BW L . -16.49 -36.71 -30.16
NAA 4BW L . -15.27 -36.93 -29.25
NAS 4BW L . -17.03 -35.48 -30.26
CBG 4BW L . -18.09 -35.24 -31.04
CBE 4BW L . -18.63 -36.29 -31.76
NAR 4BW L . -19.68 -35.80 -32.46
CAL 4BW L . -19.79 -34.50 -32.19
NBQ 4BW L . -18.84 -34.16 -31.33
CBO 4BW L . -18.62 -32.85 -30.79
CBI 4BW L . -17.59 -32.00 -31.76
OAG 4BW L . -16.65 -31.24 -30.95
OAX 4BW L . -19.75 -32.20 -30.74
CBK 4BW L . -19.49 -30.85 -31.46
CAN 4BW L . -20.60 -30.45 -32.16
OAV 4BW L . -21.19 -31.57 -32.69
PBR 4BW L . -21.98 -31.44 -34.15
O3' 4BW L . -21.25 -30.39 -35.19
OAH 4BW L . -22.34 -32.76 -34.76
OAD 4BW L . -23.30 -30.80 -33.83
CBM 4BW L . -18.32 -31.19 -32.44
OAZ 4BW L . -17.56 -29.95 -32.79
PBS 4BW L . -16.68 -29.96 -34.20
OAI 4BW L . -15.77 -28.82 -34.34
OAE 4BW L . -15.78 -31.16 -34.09
O5' 4BW L . -17.61 -30.25 -35.56
C5' 4BW L . -18.57 -29.30 -35.91
C4' 4BW L . -19.60 -29.96 -36.74
O4' 4BW L . -18.90 -30.72 -38.03
C3' 4BW L . -20.18 -30.93 -36.07
C2' 4BW L . -20.76 -31.81 -37.19
O2' 4BW L . -21.96 -31.34 -37.58
C1' 4BW L . -19.71 -31.69 -38.35
N9 4BW L . -18.96 -32.99 -38.47
C8 4BW L . -17.84 -33.30 -37.85
N7 4BW L . -17.47 -34.54 -38.18
C5 4BW L . -18.39 -35.03 -39.04
C4 4BW L . -19.35 -34.04 -39.23
N3 4BW L . -20.40 -34.30 -40.04
C2 4BW L . -20.53 -35.45 -40.68
N1 4BW L . -19.63 -36.41 -40.51
C6 4BW L . -18.56 -36.25 -39.73
N6 4BW L . -17.59 -37.32 -39.57
H2 4BW L . -15.39 -36.99 -28.20
H3 4BW L . -14.36 -37.02 -29.65
H4 4BW L . -20.54 -33.85 -32.60
H5 4BW L . -18.21 -32.91 -29.83
H6 4BW L . -17.07 -32.66 -32.42
H7 4BW L . -15.82 -31.79 -30.80
H8 4BW L . -19.19 -30.10 -30.76
H9 4BW L . -20.31 -29.82 -32.93
H10 4BW L . -21.31 -29.92 -31.49
H12 4BW L . -18.70 -31.66 -33.31
H14 4BW L . -18.10 -28.50 -36.47
H15 4BW L . -19.03 -28.90 -35.01
H16 4BW L . -20.34 -29.22 -37.09
H17 4BW L . -19.45 -31.48 -35.48
H18 4BW L . -20.84 -32.80 -36.87
H19 4BW L . -22.60 -32.10 -37.68
H20 4BW L . -20.22 -31.45 -39.32
H21 4BW L . -17.28 -32.64 -37.17
H22 4BW L . -21.39 -35.62 -41.34
H23 4BW L . -16.92 -37.29 -38.81
H24 4BW L . -17.58 -38.08 -40.23
#